data_1GUH
#
_entry.id   1GUH
#
_cell.length_a   100.800
_cell.length_b   95.400
_cell.length_c   105.200
_cell.angle_alpha   90.00
_cell.angle_beta   92.40
_cell.angle_gamma   90.00
#
_symmetry.space_group_name_H-M   'C 1 2 1'
#
loop_
_entity.id
_entity.type
_entity.pdbx_description
1 polymer 'GLUTATHIONE S-TRANSFERASE A1-1'
2 non-polymer S-BENZYL-GLUTATHIONE
#
_entity_poly.entity_id   1
_entity_poly.type   'polypeptide(L)'
_entity_poly.pdbx_seq_one_letter_code
;AEKPKLHYFNARGRMESTRWLLAAAGVEFEEKFIKSAEDLDKLRNDGYLMFQQVPMVEIDGMKLVQTRAILNYIASKYNL
YGKDIKERALIDMYIEGIADLGEMILLLPVCPPEEKDAKLALIKEKIKNRYFPAFEKVLKSHGQDYLVGNKLSRADIHLV
ELLYYVEELDSSLISSFPLLKALKTRISNLPTVKKFLQPGSPRKPPMDEKSLEEARKIFRF
;
_entity_poly.pdbx_strand_id   A,B,C,D
#
# COMPACT_ATOMS: atom_id res chain seq x y z
N ALA A 1 17.54 25.16 -40.73
CA ALA A 1 17.49 23.78 -40.22
C ALA A 1 18.84 23.01 -40.40
N GLU A 2 19.81 23.72 -39.82
CA GLU A 2 21.16 23.25 -39.61
C GLU A 2 21.43 23.54 -38.13
N LYS A 3 20.78 24.62 -37.66
CA LYS A 3 20.71 24.97 -36.26
C LYS A 3 19.73 23.99 -35.64
N PRO A 4 20.12 23.29 -34.56
CA PRO A 4 19.26 22.49 -33.71
C PRO A 4 18.04 23.29 -33.28
N LYS A 5 16.82 22.74 -33.27
CA LYS A 5 15.67 23.49 -32.81
C LYS A 5 15.23 22.78 -31.55
N LEU A 6 15.32 23.45 -30.41
CA LEU A 6 14.93 22.83 -29.17
C LEU A 6 13.47 23.17 -28.93
N HIS A 7 12.59 22.17 -28.79
CA HIS A 7 11.16 22.36 -28.51
C HIS A 7 10.90 22.23 -27.02
N TYR A 8 10.44 23.29 -26.35
CA TYR A 8 10.10 23.27 -24.93
C TYR A 8 9.37 24.56 -24.55
N PHE A 9 8.95 24.79 -23.30
CA PHE A 9 8.37 26.08 -22.98
C PHE A 9 9.48 27.02 -22.54
N ASN A 10 9.16 28.28 -22.31
CA ASN A 10 10.15 29.29 -22.01
C ASN A 10 10.53 29.26 -20.55
N ALA A 11 11.27 28.22 -20.18
CA ALA A 11 11.69 28.05 -18.81
C ALA A 11 12.87 27.12 -18.70
N ARG A 12 13.50 27.13 -17.52
CA ARG A 12 14.67 26.34 -17.21
C ARG A 12 14.27 24.89 -17.46
N GLY A 13 13.47 24.29 -16.57
CA GLY A 13 12.88 22.97 -16.73
C GLY A 13 13.88 21.87 -17.03
N ARG A 14 13.46 20.98 -17.91
CA ARG A 14 14.29 19.86 -18.31
C ARG A 14 15.11 20.13 -19.56
N MET A 15 15.04 21.33 -20.15
CA MET A 15 15.78 21.67 -21.35
C MET A 15 17.08 22.34 -21.01
N GLU A 16 17.20 22.93 -19.84
CA GLU A 16 18.36 23.72 -19.51
C GLU A 16 19.70 23.03 -19.58
N SER A 17 19.89 21.76 -19.22
CA SER A 17 21.20 21.15 -19.33
C SER A 17 21.63 21.03 -20.78
N THR A 18 20.68 20.93 -21.73
CA THR A 18 20.95 20.89 -23.17
C THR A 18 21.38 22.25 -23.65
N ARG A 19 20.72 23.32 -23.13
CA ARG A 19 21.07 24.68 -23.48
C ARG A 19 22.49 24.96 -23.06
N TRP A 20 22.88 24.50 -21.88
CA TRP A 20 24.26 24.63 -21.44
C TRP A 20 25.19 23.71 -22.21
N LEU A 21 24.84 22.49 -22.64
CA LEU A 21 25.87 21.67 -23.27
C LEU A 21 26.16 22.20 -24.65
N LEU A 22 25.11 22.57 -25.38
CA LEU A 22 25.23 23.10 -26.73
C LEU A 22 25.98 24.40 -26.71
N ALA A 23 25.60 25.36 -25.86
CA ALA A 23 26.33 26.61 -25.76
C ALA A 23 27.78 26.46 -25.37
N ALA A 24 28.14 25.62 -24.40
CA ALA A 24 29.54 25.38 -24.08
C ALA A 24 30.30 24.71 -25.20
N ALA A 25 29.63 23.93 -26.04
CA ALA A 25 30.25 23.30 -27.18
C ALA A 25 30.38 24.27 -28.34
N GLY A 26 29.99 25.54 -28.17
CA GLY A 26 30.06 26.56 -29.19
C GLY A 26 29.02 26.45 -30.30
N VAL A 27 27.99 25.65 -30.13
CA VAL A 27 26.99 25.48 -31.17
C VAL A 27 25.90 26.52 -31.03
N GLU A 28 25.32 27.00 -32.13
CA GLU A 28 24.27 27.99 -32.06
C GLU A 28 22.96 27.28 -32.29
N PHE A 29 21.96 27.44 -31.40
CA PHE A 29 20.69 26.76 -31.58
C PHE A 29 19.55 27.75 -31.71
N GLU A 30 18.42 27.22 -32.15
CA GLU A 30 17.17 27.94 -32.34
C GLU A 30 16.15 27.35 -31.36
N GLU A 31 15.18 28.10 -30.81
CA GLU A 31 14.22 27.54 -29.87
C GLU A 31 12.80 27.77 -30.32
N LYS A 32 11.90 26.77 -30.35
CA LYS A 32 10.51 27.02 -30.73
C LYS A 32 9.74 26.90 -29.43
N PHE A 33 9.21 27.96 -28.82
CA PHE A 33 8.52 27.82 -27.54
C PHE A 33 7.10 27.33 -27.61
N ILE A 34 6.73 26.55 -26.60
CA ILE A 34 5.38 26.05 -26.48
C ILE A 34 4.75 27.06 -25.54
N LYS A 35 3.71 27.72 -26.03
CA LYS A 35 3.04 28.75 -25.26
C LYS A 35 1.80 28.24 -24.53
N SER A 36 1.15 27.23 -25.13
CA SER A 36 -0.10 26.70 -24.62
C SER A 36 -0.19 25.18 -24.67
N ALA A 37 -1.22 24.63 -24.02
CA ALA A 37 -1.46 23.21 -24.09
C ALA A 37 -1.72 22.80 -25.53
N GLU A 38 -2.37 23.64 -26.33
CA GLU A 38 -2.64 23.31 -27.73
C GLU A 38 -1.38 23.33 -28.57
N ASP A 39 -0.37 24.11 -28.15
CA ASP A 39 0.89 24.08 -28.86
C ASP A 39 1.54 22.73 -28.68
N LEU A 40 1.35 22.12 -27.50
CA LEU A 40 1.87 20.80 -27.20
C LEU A 40 1.07 19.71 -27.91
N ASP A 41 -0.25 19.81 -27.99
CA ASP A 41 -1.03 18.81 -28.68
C ASP A 41 -0.80 18.85 -30.17
N LYS A 42 -0.50 19.99 -30.79
CA LYS A 42 -0.25 20.01 -32.23
C LYS A 42 1.00 19.18 -32.51
N LEU A 43 1.98 19.36 -31.64
CA LEU A 43 3.26 18.69 -31.69
C LEU A 43 3.09 17.18 -31.58
N ARG A 44 2.17 16.75 -30.69
CA ARG A 44 1.87 15.35 -30.48
C ARG A 44 1.24 14.72 -31.70
N ASN A 45 0.20 15.39 -32.18
CA ASN A 45 -0.60 14.90 -33.29
C ASN A 45 0.16 14.79 -34.61
N ASP A 46 1.18 15.65 -34.80
CA ASP A 46 2.02 15.63 -35.98
C ASP A 46 3.05 14.51 -35.96
N GLY A 47 3.12 13.74 -34.86
CA GLY A 47 4.03 12.61 -34.70
C GLY A 47 5.48 12.97 -34.37
N TYR A 48 5.68 14.14 -33.73
CA TYR A 48 7.00 14.63 -33.40
C TYR A 48 7.58 14.16 -32.06
N LEU A 49 6.68 13.78 -31.15
CA LEU A 49 7.06 13.41 -29.80
C LEU A 49 6.84 11.92 -29.58
N MET A 50 7.85 11.03 -29.57
CA MET A 50 7.60 9.59 -29.47
C MET A 50 6.79 9.11 -28.28
N PHE A 51 6.99 9.73 -27.12
CA PHE A 51 6.26 9.37 -25.93
C PHE A 51 5.35 10.49 -25.46
N GLN A 52 4.84 11.35 -26.38
CA GLN A 52 3.94 12.49 -26.10
C GLN A 52 4.52 13.59 -25.21
N GLN A 53 5.82 13.58 -24.95
CA GLN A 53 6.45 14.54 -24.06
C GLN A 53 7.52 15.40 -24.73
N VAL A 54 7.89 16.50 -24.08
CA VAL A 54 9.05 17.32 -24.47
C VAL A 54 10.01 17.36 -23.25
N PRO A 55 11.34 17.58 -23.22
CA PRO A 55 12.24 18.02 -24.28
C PRO A 55 12.13 17.31 -25.60
N MET A 56 12.24 18.00 -26.73
CA MET A 56 12.40 17.32 -28.01
C MET A 56 13.43 18.16 -28.75
N VAL A 57 14.34 17.61 -29.52
CA VAL A 57 15.36 18.39 -30.19
C VAL A 57 15.46 17.89 -31.62
N GLU A 58 15.26 18.76 -32.60
CA GLU A 58 15.48 18.39 -34.00
C GLU A 58 16.97 18.63 -34.20
N ILE A 59 17.73 17.54 -34.40
CA ILE A 59 19.16 17.60 -34.67
C ILE A 59 19.51 16.43 -35.59
N ASP A 60 20.35 16.74 -36.59
CA ASP A 60 20.82 15.82 -37.62
C ASP A 60 19.78 14.91 -38.25
N GLY A 61 18.64 15.55 -38.43
CA GLY A 61 17.51 14.93 -39.10
C GLY A 61 16.71 14.01 -38.21
N MET A 62 16.89 14.09 -36.90
CA MET A 62 16.18 13.23 -35.98
C MET A 62 15.30 14.08 -35.11
N LYS A 63 14.12 13.60 -34.71
CA LYS A 63 13.31 14.32 -33.74
C LYS A 63 13.64 13.54 -32.46
N LEU A 64 14.74 13.88 -31.80
CA LEU A 64 15.19 13.21 -30.58
C LEU A 64 14.38 13.56 -29.35
N VAL A 65 13.78 12.60 -28.66
CA VAL A 65 12.94 13.01 -27.58
C VAL A 65 13.43 12.79 -26.18
N GLN A 66 14.29 11.91 -25.69
CA GLN A 66 14.43 11.89 -24.23
C GLN A 66 15.56 12.77 -23.62
N THR A 67 15.57 13.52 -22.48
CA THR A 67 16.72 14.31 -21.98
C THR A 67 18.04 13.58 -22.12
N ARG A 68 18.18 12.38 -21.52
CA ARG A 68 19.42 11.67 -21.58
C ARG A 68 19.77 11.21 -22.97
N ALA A 69 18.83 10.97 -23.88
CA ALA A 69 19.20 10.64 -25.25
C ALA A 69 19.69 11.87 -26.00
N ILE A 70 19.10 13.06 -25.76
CA ILE A 70 19.52 14.31 -26.39
C ILE A 70 20.96 14.64 -25.99
N LEU A 71 21.25 14.68 -24.67
CA LEU A 71 22.55 14.99 -24.12
C LEU A 71 23.63 14.02 -24.51
N ASN A 72 23.33 12.72 -24.54
CA ASN A 72 24.34 11.74 -24.89
C ASN A 72 24.80 11.87 -26.32
N TYR A 73 23.89 12.26 -27.24
CA TYR A 73 24.18 12.47 -28.66
C TYR A 73 25.05 13.69 -28.86
N ILE A 74 24.61 14.86 -28.36
CA ILE A 74 25.35 16.09 -28.42
C ILE A 74 26.72 15.91 -27.78
N ALA A 75 26.81 15.32 -26.58
CA ALA A 75 28.09 15.12 -25.94
C ALA A 75 29.00 14.24 -26.78
N SER A 76 28.49 13.28 -27.57
CA SER A 76 29.36 12.43 -28.38
C SER A 76 29.74 13.15 -29.66
N LYS A 77 28.79 13.86 -30.25
CA LYS A 77 28.99 14.55 -31.50
C LYS A 77 30.08 15.59 -31.37
N TYR A 78 30.13 16.30 -30.24
CA TYR A 78 31.07 17.38 -30.04
C TYR A 78 32.22 17.01 -29.13
N ASN A 79 32.63 15.75 -29.08
CA ASN A 79 33.78 15.32 -28.30
C ASN A 79 33.89 15.68 -26.83
N LEU A 80 32.72 15.77 -26.20
CA LEU A 80 32.62 16.07 -24.78
C LEU A 80 32.26 14.83 -23.96
N TYR A 81 32.52 13.61 -24.44
CA TYR A 81 32.17 12.40 -23.69
C TYR A 81 33.37 11.49 -23.40
N GLY A 82 34.61 11.95 -23.30
CA GLY A 82 35.72 11.08 -22.95
C GLY A 82 36.29 10.39 -24.17
N LYS A 83 37.46 9.74 -24.04
CA LYS A 83 38.09 9.14 -25.21
C LYS A 83 37.77 7.69 -25.45
N ASP A 84 37.45 6.93 -24.42
CA ASP A 84 37.18 5.50 -24.49
C ASP A 84 36.07 5.10 -23.51
N ILE A 85 35.67 3.81 -23.43
CA ILE A 85 34.58 3.43 -22.53
C ILE A 85 34.92 3.40 -21.08
N LYS A 86 36.17 3.23 -20.68
CA LYS A 86 36.45 3.33 -19.27
C LYS A 86 36.38 4.79 -18.87
N GLU A 87 36.62 5.72 -19.81
CA GLU A 87 36.61 7.14 -19.54
C GLU A 87 35.17 7.61 -19.53
N ARG A 88 34.28 7.23 -20.44
CA ARG A 88 32.88 7.61 -20.29
C ARG A 88 32.17 6.81 -19.19
N ALA A 89 32.74 5.78 -18.56
CA ALA A 89 32.09 5.10 -17.44
C ALA A 89 32.23 5.97 -16.22
N LEU A 90 33.40 6.63 -16.06
CA LEU A 90 33.58 7.60 -14.99
C LEU A 90 32.71 8.82 -15.27
N ILE A 91 32.63 9.38 -16.49
CA ILE A 91 31.73 10.47 -16.77
C ILE A 91 30.30 10.05 -16.45
N ASP A 92 29.67 8.96 -16.94
CA ASP A 92 28.32 8.57 -16.53
C ASP A 92 28.08 8.40 -15.05
N MET A 93 29.01 7.88 -14.27
CA MET A 93 28.83 7.74 -12.83
C MET A 93 28.79 9.11 -12.17
N TYR A 94 29.67 10.05 -12.55
CA TYR A 94 29.66 11.39 -11.98
C TYR A 94 28.42 12.14 -12.38
N ILE A 95 28.08 12.22 -13.66
CA ILE A 95 26.94 13.00 -14.11
C ILE A 95 25.58 12.41 -13.75
N GLU A 96 25.53 11.16 -13.33
CA GLU A 96 24.26 10.62 -12.87
C GLU A 96 24.09 10.96 -11.40
N GLY A 97 25.15 11.02 -10.60
CA GLY A 97 25.02 11.59 -9.26
C GLY A 97 24.54 13.05 -9.36
N ILE A 98 25.06 13.84 -10.30
CA ILE A 98 24.62 15.20 -10.53
C ILE A 98 23.16 15.19 -10.95
N ALA A 99 22.66 14.32 -11.82
CA ALA A 99 21.23 14.33 -12.14
C ALA A 99 20.35 13.89 -10.98
N ASP A 100 20.81 13.08 -10.02
CA ASP A 100 19.98 12.74 -8.88
C ASP A 100 19.70 13.98 -8.08
N LEU A 101 20.76 14.72 -7.71
CA LEU A 101 20.64 15.96 -6.95
C LEU A 101 19.88 17.01 -7.71
N GLY A 102 20.16 17.13 -8.99
CA GLY A 102 19.52 18.10 -9.84
C GLY A 102 18.05 17.82 -9.95
N GLU A 103 17.58 16.59 -9.87
CA GLU A 103 16.15 16.33 -9.96
C GLU A 103 15.45 16.85 -8.71
N MET A 104 16.16 16.82 -7.57
CA MET A 104 15.59 17.27 -6.31
C MET A 104 15.36 18.77 -6.36
N ILE A 105 16.36 19.53 -6.81
CA ILE A 105 16.29 20.98 -6.96
C ILE A 105 15.28 21.32 -8.03
N LEU A 106 15.19 20.61 -9.15
CA LEU A 106 14.26 20.92 -10.23
C LEU A 106 12.82 20.86 -9.78
N LEU A 107 12.48 19.83 -9.01
CA LEU A 107 11.11 19.64 -8.62
C LEU A 107 10.71 20.31 -7.34
N LEU A 108 11.66 20.96 -6.63
CA LEU A 108 11.35 21.61 -5.36
C LEU A 108 10.24 22.65 -5.47
N PRO A 109 10.11 23.55 -6.46
CA PRO A 109 8.96 24.43 -6.62
C PRO A 109 7.59 23.78 -6.75
N VAL A 110 7.54 22.50 -7.09
CA VAL A 110 6.27 21.83 -7.25
C VAL A 110 5.96 21.10 -5.94
N CYS A 111 6.83 21.07 -4.93
CA CYS A 111 6.53 20.36 -3.70
C CYS A 111 5.36 20.94 -2.88
N PRO A 112 4.46 20.07 -2.32
CA PRO A 112 3.40 20.44 -1.39
C PRO A 112 3.92 21.38 -0.32
N PRO A 113 3.31 22.57 -0.11
CA PRO A 113 3.84 23.64 0.73
C PRO A 113 4.21 23.21 2.14
N GLU A 114 3.53 22.20 2.70
CA GLU A 114 3.88 21.66 4.02
C GLU A 114 5.32 21.17 3.88
N GLU A 115 5.50 20.20 2.97
CA GLU A 115 6.77 19.54 2.69
C GLU A 115 7.96 20.38 2.25
N LYS A 116 7.71 21.48 1.54
CA LYS A 116 8.74 22.32 0.94
C LYS A 116 10.01 22.60 1.73
N ASP A 117 9.93 23.00 3.00
CA ASP A 117 11.13 23.30 3.77
C ASP A 117 11.80 22.09 4.37
N ALA A 118 11.08 20.98 4.45
CA ALA A 118 11.66 19.73 4.93
C ALA A 118 12.48 19.12 3.79
N LYS A 119 11.97 19.27 2.56
CA LYS A 119 12.62 18.83 1.35
C LYS A 119 13.85 19.68 1.14
N LEU A 120 13.76 20.99 1.28
CA LEU A 120 14.89 21.87 1.12
C LEU A 120 15.94 21.59 2.18
N ALA A 121 15.57 21.22 3.40
CA ALA A 121 16.56 20.91 4.41
C ALA A 121 17.29 19.62 4.07
N LEU A 122 16.56 18.69 3.44
CA LEU A 122 17.12 17.43 3.00
C LEU A 122 18.07 17.65 1.84
N ILE A 123 17.76 18.53 0.88
CA ILE A 123 18.64 18.79 -0.23
C ILE A 123 19.91 19.44 0.29
N LYS A 124 19.88 20.33 1.29
CA LYS A 124 21.12 20.89 1.82
C LYS A 124 21.96 19.88 2.58
N GLU A 125 21.36 18.86 3.21
CA GLU A 125 22.10 17.80 3.89
C GLU A 125 22.81 16.91 2.87
N LYS A 126 22.13 16.56 1.76
CA LYS A 126 22.71 15.78 0.68
C LYS A 126 23.88 16.51 0.04
N ILE A 127 23.79 17.82 -0.23
CA ILE A 127 24.88 18.60 -0.82
C ILE A 127 26.11 18.61 0.08
N LYS A 128 25.94 18.88 1.37
CA LYS A 128 27.05 18.90 2.29
C LYS A 128 27.74 17.58 2.54
N ASN A 129 26.96 16.51 2.70
CA ASN A 129 27.49 15.23 3.11
C ASN A 129 27.77 14.21 2.03
N ARG A 130 26.99 14.28 0.96
CA ARG A 130 27.04 13.31 -0.12
C ARG A 130 27.60 13.79 -1.46
N TYR A 131 26.98 14.77 -2.09
CA TYR A 131 27.39 15.11 -3.44
C TYR A 131 28.63 15.96 -3.55
N PHE A 132 28.73 17.10 -2.86
CA PHE A 132 29.93 17.92 -2.95
C PHE A 132 31.19 17.29 -2.40
N PRO A 133 31.25 16.56 -1.28
CA PRO A 133 32.45 15.85 -0.87
C PRO A 133 32.93 14.85 -1.89
N ALA A 134 32.02 14.18 -2.61
CA ALA A 134 32.38 13.17 -3.60
C ALA A 134 33.16 13.74 -4.77
N PHE A 135 32.75 14.93 -5.21
CA PHE A 135 33.37 15.64 -6.31
C PHE A 135 34.61 16.38 -5.86
N GLU A 136 34.63 16.95 -4.64
CA GLU A 136 35.86 17.51 -4.06
C GLU A 136 36.90 16.42 -4.06
N LYS A 137 36.50 15.20 -3.67
CA LYS A 137 37.40 14.08 -3.62
C LYS A 137 37.95 13.73 -5.01
N VAL A 138 37.24 13.71 -6.16
CA VAL A 138 37.91 13.31 -7.40
C VAL A 138 38.81 14.43 -7.89
N LEU A 139 38.48 15.71 -7.67
CA LEU A 139 39.35 16.80 -8.06
C LEU A 139 40.61 16.83 -7.20
N LYS A 140 40.50 16.39 -5.95
CA LYS A 140 41.65 16.34 -5.06
C LYS A 140 42.52 15.13 -5.38
N SER A 141 41.98 14.01 -5.86
CA SER A 141 42.80 12.84 -6.12
C SER A 141 43.80 12.98 -7.25
N HIS A 142 43.37 13.55 -8.38
CA HIS A 142 44.28 13.74 -9.51
C HIS A 142 44.94 15.11 -9.57
N GLY A 143 44.36 16.07 -8.84
CA GLY A 143 44.84 17.44 -8.78
C GLY A 143 44.86 18.13 -10.13
N GLN A 144 44.12 17.62 -11.11
CA GLN A 144 44.02 18.22 -12.42
C GLN A 144 42.84 19.17 -12.52
N ASP A 145 42.81 19.89 -13.64
CA ASP A 145 41.82 20.92 -13.87
C ASP A 145 40.44 20.48 -14.25
N TYR A 146 40.36 19.24 -14.72
CA TYR A 146 39.08 18.70 -15.16
C TYR A 146 38.68 17.48 -14.39
N LEU A 147 37.38 17.21 -14.36
CA LEU A 147 36.91 16.05 -13.63
C LEU A 147 37.41 14.75 -14.22
N VAL A 148 37.38 14.51 -15.54
CA VAL A 148 37.82 13.22 -16.01
C VAL A 148 39.11 13.19 -16.77
N GLY A 149 39.32 13.39 -18.07
CA GLY A 149 40.65 13.05 -18.56
C GLY A 149 41.61 14.20 -18.72
N ASN A 150 41.67 15.18 -17.82
CA ASN A 150 42.49 16.38 -17.96
C ASN A 150 42.24 17.08 -19.30
N LYS A 151 40.97 16.98 -19.70
CA LYS A 151 40.41 17.47 -20.93
C LYS A 151 38.98 17.86 -20.56
N LEU A 152 38.39 18.97 -21.01
CA LEU A 152 36.99 19.33 -20.72
C LEU A 152 36.04 18.28 -21.25
N SER A 153 35.01 18.00 -20.45
CA SER A 153 33.97 17.07 -20.88
C SER A 153 32.65 17.58 -20.36
N ARG A 154 31.60 16.85 -20.69
CA ARG A 154 30.27 17.11 -20.21
C ARG A 154 30.17 16.99 -18.69
N ALA A 155 31.03 16.25 -17.98
CA ALA A 155 30.93 16.13 -16.55
C ALA A 155 31.23 17.48 -15.89
N ASP A 156 32.09 18.32 -16.49
CA ASP A 156 32.43 19.62 -15.93
C ASP A 156 31.35 20.63 -16.17
N ILE A 157 30.75 20.69 -17.36
CA ILE A 157 29.67 21.61 -17.66
C ILE A 157 28.44 21.24 -16.86
N HIS A 158 28.05 19.95 -16.78
CA HIS A 158 26.91 19.52 -15.98
C HIS A 158 27.18 19.77 -14.49
N LEU A 159 28.41 19.62 -13.98
CA LEU A 159 28.65 19.94 -12.59
C LEU A 159 28.60 21.45 -12.37
N VAL A 160 29.23 22.32 -13.18
CA VAL A 160 29.23 23.76 -12.92
C VAL A 160 27.84 24.36 -13.01
N GLU A 161 27.02 23.94 -13.97
CA GLU A 161 25.62 24.34 -14.06
C GLU A 161 24.91 24.10 -12.74
N LEU A 162 25.15 22.92 -12.13
CA LEU A 162 24.55 22.60 -10.85
C LEU A 162 25.09 23.53 -9.76
N LEU A 163 26.39 23.85 -9.74
CA LEU A 163 26.98 24.72 -8.75
C LEU A 163 26.37 26.10 -8.85
N TYR A 164 25.91 26.54 -10.01
CA TYR A 164 25.19 27.78 -10.12
C TYR A 164 23.83 27.59 -9.48
N TYR A 165 23.11 26.48 -9.66
CA TYR A 165 21.81 26.30 -9.02
C TYR A 165 21.89 26.14 -7.52
N VAL A 166 23.01 25.65 -7.02
CA VAL A 166 23.12 25.46 -5.58
C VAL A 166 23.47 26.81 -5.00
N GLU A 167 24.17 27.66 -5.74
CA GLU A 167 24.51 28.98 -5.24
C GLU A 167 23.25 29.81 -5.08
N GLU A 168 22.27 29.70 -5.96
CA GLU A 168 21.02 30.41 -5.80
C GLU A 168 20.24 29.86 -4.63
N LEU A 169 20.46 28.61 -4.26
CA LEU A 169 19.71 28.00 -3.19
C LEU A 169 20.24 28.50 -1.86
N ASP A 170 21.57 28.55 -1.76
CA ASP A 170 22.27 28.98 -0.57
C ASP A 170 23.74 29.09 -0.96
N SER A 171 24.17 30.34 -1.09
CA SER A 171 25.55 30.64 -1.42
C SER A 171 26.59 30.20 -0.38
N SER A 172 26.17 29.71 0.80
CA SER A 172 27.15 29.27 1.78
C SER A 172 27.62 27.83 1.62
N LEU A 173 26.89 26.93 0.94
CA LEU A 173 27.21 25.50 0.89
C LEU A 173 28.56 25.16 0.28
N ILE A 174 28.91 25.79 -0.84
CA ILE A 174 30.17 25.57 -1.54
C ILE A 174 31.44 26.00 -0.81
N SER A 175 31.34 26.92 0.15
CA SER A 175 32.48 27.56 0.79
C SER A 175 33.55 26.64 1.39
N SER A 176 33.14 25.50 1.91
CA SER A 176 34.09 24.53 2.46
C SER A 176 34.64 23.54 1.43
N PHE A 177 34.38 23.83 0.15
CA PHE A 177 34.78 22.98 -0.94
C PHE A 177 35.58 23.83 -1.93
N PRO A 178 36.86 24.06 -1.65
CA PRO A 178 37.71 24.95 -2.45
C PRO A 178 37.98 24.55 -3.89
N LEU A 179 38.24 23.25 -4.16
CA LEU A 179 38.49 22.78 -5.52
C LEU A 179 37.25 22.86 -6.42
N LEU A 180 36.03 22.81 -5.85
CA LEU A 180 34.80 22.96 -6.63
C LEU A 180 34.62 24.43 -6.95
N LYS A 181 34.92 25.30 -5.96
CA LYS A 181 34.90 26.75 -6.16
C LYS A 181 35.82 27.11 -7.31
N ALA A 182 37.00 26.48 -7.35
CA ALA A 182 37.98 26.75 -8.38
C ALA A 182 37.53 26.29 -9.74
N LEU A 183 36.88 25.10 -9.83
CA LEU A 183 36.37 24.58 -11.09
C LEU A 183 35.25 25.46 -11.61
N LYS A 184 34.38 25.95 -10.73
CA LYS A 184 33.32 26.85 -11.14
C LYS A 184 33.91 28.08 -11.83
N THR A 185 34.93 28.69 -11.21
CA THR A 185 35.57 29.88 -11.75
C THR A 185 36.16 29.58 -13.12
N ARG A 186 36.93 28.49 -13.18
CA ARG A 186 37.63 28.11 -14.38
C ARG A 186 36.70 27.86 -15.56
N ILE A 187 35.67 27.03 -15.41
CA ILE A 187 34.76 26.73 -16.51
C ILE A 187 33.95 27.97 -16.85
N SER A 188 33.70 28.86 -15.88
CA SER A 188 32.93 30.05 -16.14
C SER A 188 33.66 31.09 -16.99
N ASN A 189 34.99 30.99 -17.06
CA ASN A 189 35.77 31.91 -17.88
C ASN A 189 36.16 31.34 -19.23
N LEU A 190 35.78 30.10 -19.57
CA LEU A 190 36.03 29.59 -20.91
C LEU A 190 35.23 30.46 -21.86
N PRO A 191 35.66 30.89 -23.03
CA PRO A 191 34.91 31.78 -23.91
C PRO A 191 33.50 31.36 -24.27
N THR A 192 33.23 30.07 -24.48
CA THR A 192 31.89 29.63 -24.83
C THR A 192 30.94 29.69 -23.67
N VAL A 193 31.40 29.29 -22.47
CA VAL A 193 30.54 29.32 -21.31
C VAL A 193 30.34 30.77 -20.88
N LYS A 194 31.39 31.61 -20.89
CA LYS A 194 31.37 33.03 -20.54
C LYS A 194 30.36 33.80 -21.37
N LYS A 195 30.34 33.55 -22.68
CA LYS A 195 29.35 34.09 -23.59
C LYS A 195 27.94 33.76 -23.09
N PHE A 196 27.73 32.51 -22.65
CA PHE A 196 26.43 32.03 -22.22
C PHE A 196 26.02 32.68 -20.90
N LEU A 197 26.96 32.92 -19.98
CA LEU A 197 26.66 33.51 -18.70
C LEU A 197 26.34 34.99 -18.77
N GLN A 198 26.81 35.65 -19.84
CA GLN A 198 26.57 37.06 -20.12
C GLN A 198 25.11 37.44 -20.30
N PRO A 199 24.70 38.69 -20.03
CA PRO A 199 23.33 39.13 -20.16
C PRO A 199 22.46 38.88 -21.38
N GLY A 200 22.87 38.57 -22.60
CA GLY A 200 21.82 38.42 -23.61
C GLY A 200 21.47 36.99 -24.03
N SER A 201 22.05 35.99 -23.36
CA SER A 201 22.05 34.61 -23.80
C SER A 201 20.77 33.80 -23.74
N PRO A 202 20.65 32.61 -24.37
CA PRO A 202 19.47 31.78 -24.33
C PRO A 202 19.27 31.17 -22.95
N ARG A 203 20.20 31.37 -22.02
CA ARG A 203 20.09 30.92 -20.67
C ARG A 203 18.84 31.43 -19.99
N LYS A 204 18.19 30.54 -19.23
CA LYS A 204 16.94 30.82 -18.54
C LYS A 204 17.07 31.12 -17.05
N PRO A 205 16.07 31.77 -16.45
CA PRO A 205 16.07 32.15 -15.04
C PRO A 205 15.38 31.17 -14.11
N PRO A 206 15.43 31.31 -12.78
CA PRO A 206 14.61 30.58 -11.82
C PRO A 206 13.12 30.50 -12.14
N MET A 207 12.45 29.43 -11.69
CA MET A 207 11.00 29.29 -11.87
C MET A 207 10.30 30.16 -10.87
N ASP A 208 9.39 31.00 -11.33
CA ASP A 208 8.61 31.79 -10.39
C ASP A 208 7.16 31.34 -10.46
N GLU A 209 6.34 32.04 -9.68
CA GLU A 209 4.91 31.83 -9.59
C GLU A 209 4.27 31.69 -10.97
N LYS A 210 4.59 32.63 -11.86
CA LYS A 210 3.96 32.64 -13.16
C LYS A 210 4.49 31.61 -14.14
N SER A 211 5.75 31.19 -14.06
CA SER A 211 6.24 30.14 -14.93
C SER A 211 5.63 28.80 -14.53
N LEU A 212 5.54 28.52 -13.22
CA LEU A 212 4.97 27.28 -12.74
C LEU A 212 3.49 27.20 -13.06
N GLU A 213 2.84 28.37 -13.11
CA GLU A 213 1.44 28.46 -13.50
C GLU A 213 1.30 28.10 -14.97
N GLU A 214 2.17 28.62 -15.83
CA GLU A 214 2.16 28.33 -17.26
C GLU A 214 2.52 26.86 -17.50
N ALA A 215 3.39 26.29 -16.65
CA ALA A 215 3.86 24.93 -16.77
C ALA A 215 2.74 23.93 -16.45
N ARG A 216 1.95 24.22 -15.40
CA ARG A 216 0.81 23.41 -15.05
C ARG A 216 -0.29 23.47 -16.10
N LYS A 217 -0.39 24.58 -16.83
CA LYS A 217 -1.42 24.71 -17.84
C LYS A 217 -1.08 23.95 -19.10
N ILE A 218 0.18 24.04 -19.53
CA ILE A 218 0.63 23.38 -20.74
C ILE A 218 0.70 21.89 -20.49
N PHE A 219 1.37 21.48 -19.40
CA PHE A 219 1.59 20.08 -19.13
C PHE A 219 0.56 19.40 -18.24
N ARG A 220 -0.55 20.10 -17.96
CA ARG A 220 -1.66 19.58 -17.16
C ARG A 220 -1.31 18.81 -15.89
N PHE A 221 -0.23 19.19 -15.19
CA PHE A 221 0.12 18.48 -13.97
C PHE A 221 -0.40 19.17 -12.70
N ALA B 1 37.63 -12.92 -9.10
CA ALA B 1 37.51 -11.50 -9.44
C ALA B 1 37.90 -11.18 -10.92
N GLU B 2 37.16 -11.96 -11.72
CA GLU B 2 37.08 -11.82 -13.16
C GLU B 2 35.59 -11.79 -13.46
N LYS B 3 34.84 -12.49 -12.60
CA LYS B 3 33.40 -12.45 -12.55
C LYS B 3 33.06 -11.11 -11.90
N PRO B 4 32.21 -10.29 -12.54
CA PRO B 4 31.59 -9.10 -11.98
C PRO B 4 30.96 -9.41 -10.64
N LYS B 5 31.09 -8.57 -9.60
CA LYS B 5 30.43 -8.84 -8.33
C LYS B 5 29.41 -7.76 -8.20
N LEU B 6 28.12 -8.11 -8.21
CA LEU B 6 27.09 -7.11 -8.07
C LEU B 6 26.76 -6.99 -6.59
N HIS B 7 26.88 -5.79 -6.01
CA HIS B 7 26.55 -5.51 -4.62
C HIS B 7 25.15 -4.94 -4.51
N TYR B 8 24.23 -5.64 -3.85
CA TYR B 8 22.85 -5.16 -3.63
C TYR B 8 22.13 -6.07 -2.64
N PHE B 9 20.86 -5.86 -2.26
CA PHE B 9 20.21 -6.82 -1.41
C PHE B 9 19.54 -7.87 -2.27
N ASN B 10 18.98 -8.91 -1.67
CA ASN B 10 18.42 -10.03 -2.39
C ASN B 10 17.03 -9.72 -2.89
N ALA B 11 16.97 -8.85 -3.89
CA ALA B 11 15.68 -8.46 -4.44
C ALA B 11 15.84 -7.89 -5.83
N ARG B 12 14.71 -7.76 -6.52
CA ARG B 12 14.64 -7.25 -7.88
C ARG B 12 15.25 -5.87 -7.83
N GLY B 13 14.55 -4.87 -7.29
CA GLY B 13 15.05 -3.52 -7.04
C GLY B 13 15.64 -2.85 -8.25
N ARG B 14 16.74 -2.13 -8.00
CA ARG B 14 17.42 -1.41 -9.06
C ARG B 14 18.56 -2.19 -9.69
N MET B 15 18.80 -3.44 -9.26
CA MET B 15 19.87 -4.27 -9.81
C MET B 15 19.37 -5.14 -10.90
N GLU B 16 18.09 -5.43 -10.97
CA GLU B 16 17.58 -6.38 -11.92
C GLU B 16 17.83 -6.11 -13.37
N SER B 17 17.83 -4.90 -13.90
CA SER B 17 18.12 -4.70 -15.31
C SER B 17 19.55 -5.07 -15.65
N THR B 18 20.48 -4.97 -14.67
CA THR B 18 21.88 -5.36 -14.84
C THR B 18 21.98 -6.87 -14.87
N ARG B 19 21.19 -7.55 -14.02
CA ARG B 19 21.18 -9.01 -13.98
C ARG B 19 20.71 -9.53 -15.30
N TRP B 20 19.69 -8.90 -15.90
CA TRP B 20 19.25 -9.28 -17.22
C TRP B 20 20.24 -8.87 -18.29
N LEU B 21 20.98 -7.75 -18.23
CA LEU B 21 21.80 -7.42 -19.37
C LEU B 21 23.00 -8.34 -19.43
N LEU B 22 23.60 -8.60 -18.25
CA LEU B 22 24.76 -9.47 -18.13
C LEU B 22 24.39 -10.86 -18.52
N ALA B 23 23.32 -11.44 -17.98
CA ALA B 23 22.89 -12.77 -18.37
C ALA B 23 22.56 -12.92 -19.85
N ALA B 24 21.87 -11.99 -20.48
CA ALA B 24 21.63 -12.06 -21.91
C ALA B 24 22.90 -11.91 -22.74
N ALA B 25 23.91 -11.22 -22.21
CA ALA B 25 25.19 -11.10 -22.89
C ALA B 25 26.04 -12.33 -22.67
N GLY B 26 25.53 -13.35 -21.99
CA GLY B 26 26.24 -14.59 -21.72
C GLY B 26 27.33 -14.50 -20.66
N VAL B 27 27.38 -13.43 -19.89
CA VAL B 27 28.42 -13.28 -18.88
C VAL B 27 27.99 -13.92 -17.57
N GLU B 28 28.93 -14.50 -16.81
CA GLU B 28 28.57 -15.11 -15.55
C GLU B 28 28.98 -14.17 -14.44
N PHE B 29 28.07 -13.82 -13.53
CA PHE B 29 28.42 -12.91 -12.45
C PHE B 29 28.27 -13.56 -11.08
N GLU B 30 28.82 -12.87 -10.09
CA GLU B 30 28.81 -13.27 -8.70
C GLU B 30 28.01 -12.20 -7.94
N GLU B 31 27.27 -12.50 -6.86
CA GLU B 31 26.50 -11.48 -6.16
C GLU B 31 26.87 -11.43 -4.68
N LYS B 32 27.15 -10.29 -4.06
CA LYS B 32 27.44 -10.24 -2.64
C LYS B 32 26.22 -9.59 -2.03
N PHE B 33 25.34 -10.28 -1.28
CA PHE B 33 24.15 -9.64 -0.77
C PHE B 33 24.33 -8.83 0.50
N ILE B 34 23.55 -7.75 0.58
CA ILE B 34 23.56 -6.89 1.73
C ILE B 34 22.38 -7.42 2.53
N LYS B 35 22.67 -7.89 3.73
CA LYS B 35 21.64 -8.47 4.58
C LYS B 35 21.08 -7.48 5.58
N SER B 36 21.91 -6.53 6.01
CA SER B 36 21.55 -5.58 7.05
C SER B 36 22.00 -4.16 6.75
N ALA B 37 21.53 -3.21 7.55
CA ALA B 37 21.96 -1.84 7.43
C ALA B 37 23.45 -1.75 7.68
N GLU B 38 24.00 -2.57 8.60
CA GLU B 38 25.43 -2.54 8.87
C GLU B 38 26.24 -3.12 7.73
N ASP B 39 25.64 -4.00 6.92
CA ASP B 39 26.34 -4.48 5.76
C ASP B 39 26.54 -3.35 4.78
N LEU B 40 25.56 -2.44 4.71
CA LEU B 40 25.64 -1.27 3.86
C LEU B 40 26.60 -0.22 4.39
N ASP B 41 26.63 0.01 5.71
CA ASP B 41 27.56 0.97 6.26
C ASP B 41 28.99 0.49 6.17
N LYS B 42 29.29 -0.80 6.20
CA LYS B 42 30.67 -1.25 6.09
C LYS B 42 31.17 -0.89 4.71
N LEU B 43 30.30 -1.10 3.73
CA LEU B 43 30.53 -0.82 2.33
C LEU B 43 30.82 0.66 2.10
N ARG B 44 30.08 1.52 2.81
CA ARG B 44 30.25 2.96 2.73
C ARG B 44 31.58 3.42 3.28
N ASN B 45 31.86 2.93 4.49
CA ASN B 45 33.06 3.32 5.21
C ASN B 45 34.35 2.88 4.56
N ASP B 46 34.32 1.76 3.83
CA ASP B 46 35.47 1.26 3.09
C ASP B 46 35.76 2.03 1.81
N GLY B 47 34.90 3.01 1.46
CA GLY B 47 35.06 3.87 0.28
C GLY B 47 34.66 3.23 -1.05
N TYR B 48 33.74 2.25 -0.99
CA TYR B 48 33.28 1.52 -2.17
C TYR B 48 32.14 2.15 -2.95
N LEU B 49 31.34 2.98 -2.25
CA LEU B 49 30.14 3.57 -2.82
C LEU B 49 30.33 5.07 -3.00
N MET B 50 30.57 5.63 -4.19
CA MET B 50 30.85 7.06 -4.33
C MET B 50 29.83 8.03 -3.76
N PHE B 51 28.55 7.69 -3.89
CA PHE B 51 27.50 8.53 -3.37
C PHE B 51 26.74 7.83 -2.24
N GLN B 52 27.38 6.94 -1.47
CA GLN B 52 26.81 6.20 -0.34
C GLN B 52 25.66 5.25 -0.68
N GLN B 53 25.42 4.97 -1.96
CA GLN B 53 24.32 4.15 -2.38
C GLN B 53 24.73 2.89 -3.15
N VAL B 54 23.82 1.93 -3.29
CA VAL B 54 23.98 0.77 -4.16
C VAL B 54 22.81 0.79 -5.17
N PRO B 55 22.73 0.24 -6.40
CA PRO B 55 23.64 -0.68 -7.07
C PRO B 55 25.10 -0.33 -7.05
N MET B 56 26.00 -1.29 -6.89
CA MET B 56 27.43 -1.02 -7.12
C MET B 56 27.92 -2.27 -7.83
N VAL B 57 28.83 -2.20 -8.79
CA VAL B 57 29.26 -3.36 -9.54
C VAL B 57 30.77 -3.28 -9.64
N GLU B 58 31.50 -4.30 -9.15
CA GLU B 58 32.94 -4.36 -9.35
C GLU B 58 33.09 -5.04 -10.72
N ILE B 59 33.57 -4.27 -11.71
CA ILE B 59 33.82 -4.77 -13.05
C ILE B 59 35.03 -4.01 -13.60
N ASP B 60 35.91 -4.78 -14.25
CA ASP B 60 37.15 -4.31 -14.87
C ASP B 60 38.00 -3.35 -14.05
N GLY B 61 37.99 -3.69 -12.76
CA GLY B 61 38.79 -2.99 -11.78
C GLY B 61 38.18 -1.69 -11.31
N MET B 62 36.89 -1.48 -11.57
CA MET B 62 36.24 -0.25 -11.17
C MET B 62 35.15 -0.59 -10.18
N LYS B 63 34.88 0.27 -9.20
CA LYS B 63 33.76 0.07 -8.31
C LYS B 63 32.74 1.03 -8.91
N LEU B 64 32.01 0.59 -9.95
CA LEU B 64 31.02 1.41 -10.64
C LEU B 64 29.74 1.61 -9.87
N VAL B 65 29.33 2.84 -9.59
CA VAL B 65 28.16 2.96 -8.77
C VAL B 65 26.88 3.39 -9.40
N GLN B 66 26.66 4.09 -10.49
CA GLN B 66 25.25 4.46 -10.75
C GLN B 66 24.44 3.50 -11.66
N THR B 67 23.13 3.09 -11.56
CA THR B 67 22.46 2.17 -12.51
C THR B 67 22.79 2.47 -13.96
N ARG B 68 22.53 3.69 -14.45
CA ARG B 68 22.80 4.01 -15.83
C ARG B 68 24.27 3.99 -16.16
N ALA B 69 25.19 4.24 -15.26
CA ALA B 69 26.60 4.10 -15.58
C ALA B 69 26.99 2.63 -15.68
N ILE B 70 26.45 1.75 -14.84
CA ILE B 70 26.72 0.30 -14.87
C ILE B 70 26.27 -0.27 -16.21
N LEU B 71 24.98 -0.06 -16.58
CA LEU B 71 24.38 -0.55 -17.80
C LEU B 71 25.02 -0.04 -19.05
N ASN B 72 25.40 1.25 -19.09
CA ASN B 72 26.00 1.81 -20.29
C ASN B 72 27.36 1.20 -20.58
N TYR B 73 28.13 0.84 -19.54
CA TYR B 73 29.44 0.21 -19.65
C TYR B 73 29.32 -1.21 -20.16
N ILE B 74 28.52 -2.05 -19.50
CA ILE B 74 28.25 -3.42 -19.89
C ILE B 74 27.69 -3.44 -21.30
N ALA B 75 26.70 -2.61 -21.63
CA ALA B 75 26.16 -2.60 -22.97
C ALA B 75 27.20 -2.24 -24.00
N SER B 76 28.21 -1.41 -23.68
CA SER B 76 29.23 -1.06 -24.68
C SER B 76 30.27 -2.15 -24.76
N LYS B 77 30.64 -2.71 -23.62
CA LYS B 77 31.66 -3.72 -23.56
C LYS B 77 31.26 -4.96 -24.34
N TYR B 78 29.99 -5.34 -24.31
CA TYR B 78 29.52 -6.53 -24.96
C TYR B 78 28.75 -6.26 -26.22
N ASN B 79 29.04 -5.19 -26.94
CA ASN B 79 28.41 -4.89 -28.22
C ASN B 79 26.90 -4.88 -28.35
N LEU B 80 26.25 -4.49 -27.24
CA LEU B 80 24.82 -4.38 -27.20
C LEU B 80 24.35 -2.93 -27.23
N TYR B 81 25.14 -1.98 -27.74
CA TYR B 81 24.75 -0.58 -27.77
C TYR B 81 24.71 0.03 -29.17
N GLY B 82 24.51 -0.71 -30.26
CA GLY B 82 24.42 -0.10 -31.58
C GLY B 82 25.77 0.08 -32.21
N LYS B 83 25.84 0.41 -33.51
CA LYS B 83 27.12 0.50 -34.18
C LYS B 83 27.74 1.87 -34.22
N ASP B 84 26.94 2.94 -34.18
CA ASP B 84 27.39 4.32 -34.27
C ASP B 84 26.54 5.23 -33.39
N ILE B 85 26.81 6.55 -33.33
CA ILE B 85 26.04 7.43 -32.46
C ILE B 85 24.65 7.73 -32.89
N LYS B 86 24.33 7.66 -34.17
CA LYS B 86 22.94 7.85 -34.54
C LYS B 86 22.16 6.62 -34.13
N GLU B 87 22.82 5.45 -34.05
CA GLU B 87 22.17 4.21 -33.70
C GLU B 87 22.03 4.14 -32.20
N ARG B 88 23.01 4.51 -31.36
CA ARG B 88 22.75 4.56 -29.94
C ARG B 88 21.89 5.77 -29.53
N ALA B 89 21.56 6.74 -30.40
CA ALA B 89 20.67 7.82 -30.02
C ALA B 89 19.26 7.29 -30.03
N LEU B 90 18.94 6.42 -31.00
CA LEU B 90 17.66 5.74 -31.02
C LEU B 90 17.58 4.77 -29.84
N ILE B 91 18.61 3.96 -29.54
CA ILE B 91 18.59 3.10 -28.37
C ILE B 91 18.37 3.95 -27.13
N ASP B 92 19.13 5.01 -26.75
CA ASP B 92 18.83 5.83 -25.58
C ASP B 92 17.44 6.43 -25.51
N MET B 93 16.84 6.88 -26.61
CA MET B 93 15.49 7.42 -26.58
C MET B 93 14.50 6.31 -26.23
N TYR B 94 14.61 5.11 -26.81
CA TYR B 94 13.70 4.02 -26.52
C TYR B 94 13.87 3.55 -25.11
N ILE B 95 15.09 3.24 -24.65
CA ILE B 95 15.29 2.70 -23.32
C ILE B 95 15.11 3.68 -22.19
N GLU B 96 15.03 4.98 -22.48
CA GLU B 96 14.72 5.94 -21.43
C GLU B 96 13.21 6.04 -21.30
N GLY B 97 12.44 5.91 -22.37
CA GLY B 97 10.99 5.76 -22.21
C GLY B 97 10.69 4.50 -21.37
N ILE B 98 11.39 3.39 -21.59
CA ILE B 98 11.25 2.17 -20.81
C ILE B 98 11.64 2.46 -19.37
N ALA B 99 12.71 3.19 -19.04
CA ALA B 99 13.01 3.47 -17.64
C ALA B 99 12.01 4.40 -16.99
N ASP B 100 11.30 5.29 -17.71
CA ASP B 100 10.27 6.12 -17.09
C ASP B 100 9.18 5.24 -16.56
N LEU B 101 8.63 4.37 -17.42
CA LEU B 101 7.56 3.45 -17.05
C LEU B 101 8.01 2.48 -15.99
N GLY B 102 9.21 1.95 -16.14
CA GLY B 102 9.77 1.02 -15.21
C GLY B 102 9.93 1.63 -13.86
N GLU B 103 10.19 2.91 -13.72
CA GLU B 103 10.33 3.52 -12.39
C GLU B 103 8.98 3.54 -11.69
N MET B 104 7.89 3.68 -12.47
CA MET B 104 6.54 3.72 -11.90
C MET B 104 6.20 2.38 -11.29
N ILE B 105 6.44 1.29 -12.03
CA ILE B 105 6.19 -0.08 -11.60
C ILE B 105 7.12 -0.41 -10.44
N LEU B 106 8.40 0.00 -10.46
CA LEU B 106 9.35 -0.32 -9.40
C LEU B 106 8.93 0.23 -8.06
N LEU B 107 8.45 1.47 -8.05
CA LEU B 107 8.11 2.11 -6.80
C LEU B 107 6.69 1.91 -6.35
N LEU B 108 5.84 1.26 -7.14
CA LEU B 108 4.45 1.05 -6.78
C LEU B 108 4.27 0.35 -5.45
N PRO B 109 4.98 -0.71 -5.02
CA PRO B 109 4.89 -1.27 -3.68
C PRO B 109 5.17 -0.33 -2.51
N VAL B 110 5.84 0.79 -2.75
CA VAL B 110 6.17 1.71 -1.69
C VAL B 110 5.11 2.80 -1.67
N CYS B 111 4.14 2.85 -2.60
CA CYS B 111 3.14 3.91 -2.59
C CYS B 111 2.19 3.89 -1.38
N PRO B 112 1.87 5.07 -0.78
CA PRO B 112 0.87 5.25 0.26
C PRO B 112 -0.41 4.51 -0.07
N PRO B 113 -0.93 3.62 0.79
CA PRO B 113 -2.02 2.70 0.48
C PRO B 113 -3.27 3.36 -0.09
N GLU B 114 -3.55 4.63 0.27
CA GLU B 114 -4.67 5.37 -0.32
C GLU B 114 -4.39 5.41 -1.81
N GLU B 115 -3.26 6.04 -2.16
CA GLU B 115 -2.79 6.24 -3.53
C GLU B 115 -2.60 5.02 -4.43
N LYS B 116 -2.21 3.88 -3.85
CA LYS B 116 -1.84 2.69 -4.59
C LYS B 116 -2.66 2.29 -5.81
N ASP B 117 -3.99 2.26 -5.73
CA ASP B 117 -4.82 1.87 -6.86
C ASP B 117 -5.06 2.96 -7.87
N ALA B 118 -4.84 4.21 -7.46
CA ALA B 118 -4.96 5.34 -8.37
C ALA B 118 -3.70 5.41 -9.23
N LYS B 119 -2.56 5.08 -8.60
CA LYS B 119 -1.27 5.01 -9.26
C LYS B 119 -1.27 3.84 -10.21
N LEU B 120 -1.77 2.67 -9.79
CA LEU B 120 -1.84 1.52 -10.66
C LEU B 120 -2.77 1.78 -11.83
N ALA B 121 -3.85 2.53 -11.65
CA ALA B 121 -4.73 2.82 -12.76
C ALA B 121 -4.07 3.75 -13.77
N LEU B 122 -3.21 4.63 -13.24
CA LEU B 122 -2.46 5.55 -14.07
C LEU B 122 -1.37 4.79 -14.84
N ILE B 123 -0.70 3.80 -14.24
CA ILE B 123 0.32 3.05 -14.94
C ILE B 123 -0.36 2.25 -16.05
N LYS B 124 -1.55 1.68 -15.87
CA LYS B 124 -2.20 0.97 -16.96
C LYS B 124 -2.66 1.88 -18.08
N GLU B 125 -3.00 3.14 -17.81
CA GLU B 125 -3.36 4.11 -18.85
C GLU B 125 -2.13 4.49 -19.68
N LYS B 126 -0.98 4.71 -19.03
CA LYS B 126 0.28 5.00 -19.70
C LYS B 126 0.70 3.85 -20.60
N ILE B 127 0.62 2.59 -20.15
CA ILE B 127 0.98 1.42 -20.96
C ILE B 127 0.13 1.32 -22.21
N LYS B 128 -1.19 1.44 -22.08
CA LYS B 128 -2.08 1.38 -23.22
C LYS B 128 -1.96 2.48 -24.24
N ASN B 129 -1.84 3.72 -23.77
CA ASN B 129 -1.89 4.87 -24.64
C ASN B 129 -0.57 5.47 -25.08
N ARG B 130 0.44 5.35 -24.23
CA ARG B 130 1.74 5.96 -24.44
C ARG B 130 2.91 5.03 -24.75
N TYR B 131 3.25 4.11 -23.85
CA TYR B 131 4.46 3.35 -24.05
C TYR B 131 4.34 2.20 -25.03
N PHE B 132 3.38 1.29 -24.89
CA PHE B 132 3.26 0.17 -25.84
C PHE B 132 2.91 0.59 -27.26
N PRO B 133 2.02 1.52 -27.57
CA PRO B 133 1.83 1.97 -28.94
C PRO B 133 3.08 2.52 -29.58
N ALA B 134 3.94 3.20 -28.82
CA ALA B 134 5.18 3.78 -29.35
C ALA B 134 6.15 2.75 -29.86
N PHE B 135 6.26 1.64 -29.13
CA PHE B 135 7.13 0.54 -29.47
C PHE B 135 6.51 -0.37 -30.51
N GLU B 136 5.19 -0.60 -30.47
CA GLU B 136 4.49 -1.29 -31.56
C GLU B 136 4.79 -0.55 -32.85
N LYS B 137 4.73 0.78 -32.80
CA LYS B 137 5.00 1.61 -33.96
C LYS B 137 6.43 1.43 -34.47
N VAL B 138 7.54 1.34 -33.69
CA VAL B 138 8.85 1.22 -34.34
C VAL B 138 9.02 -0.18 -34.90
N LEU B 139 8.47 -1.23 -34.27
CA LEU B 139 8.56 -2.58 -34.80
C LEU B 139 7.74 -2.71 -36.08
N LYS B 140 6.64 -1.96 -36.18
CA LYS B 140 5.82 -1.99 -37.36
C LYS B 140 6.44 -1.18 -38.48
N SER B 141 7.21 -0.12 -38.22
CA SER B 141 7.79 0.70 -39.28
C SER B 141 8.84 0.01 -40.11
N HIS B 142 9.78 -0.70 -39.48
CA HIS B 142 10.82 -1.40 -40.22
C HIS B 142 10.51 -2.86 -40.50
N GLY B 143 9.55 -3.41 -39.75
CA GLY B 143 9.13 -4.81 -39.88
C GLY B 143 10.25 -5.79 -39.61
N GLN B 144 11.32 -5.37 -38.95
CA GLN B 144 12.42 -6.24 -38.60
C GLN B 144 12.26 -6.85 -37.22
N ASP B 145 13.15 -7.79 -36.92
CA ASP B 145 13.08 -8.55 -35.69
C ASP B 145 13.55 -7.86 -34.44
N TYR B 146 14.34 -6.81 -34.63
CA TYR B 146 14.89 -6.09 -33.51
C TYR B 146 14.48 -4.64 -33.49
N LEU B 147 14.50 -4.03 -32.31
CA LEU B 147 14.11 -2.65 -32.20
C LEU B 147 15.03 -1.73 -32.96
N VAL B 148 16.37 -1.84 -32.90
CA VAL B 148 17.16 -0.87 -33.61
C VAL B 148 17.92 -1.37 -34.80
N GLY B 149 19.12 -1.94 -34.85
CA GLY B 149 19.70 -2.12 -36.18
C GLY B 149 19.55 -3.48 -36.81
N ASN B 150 18.42 -4.17 -36.67
CA ASN B 150 18.24 -5.54 -37.16
C ASN B 150 19.34 -6.46 -36.63
N LYS B 151 19.74 -6.13 -35.41
CA LYS B 151 20.80 -6.77 -34.64
C LYS B 151 20.32 -6.65 -33.20
N LEU B 152 20.44 -7.65 -32.31
CA LEU B 152 20.07 -7.54 -30.89
C LEU B 152 20.84 -6.44 -30.20
N SER B 153 20.15 -5.70 -29.33
CA SER B 153 20.80 -4.68 -28.54
C SER B 153 20.16 -4.67 -27.17
N ARG B 154 20.65 -3.79 -26.32
CA ARG B 154 20.11 -3.57 -25.01
C ARG B 154 18.67 -3.04 -25.06
N ALA B 155 18.21 -2.39 -26.14
CA ALA B 155 16.85 -1.89 -26.19
C ALA B 155 15.87 -3.06 -26.18
N ASP B 156 16.22 -4.23 -26.75
CA ASP B 156 15.34 -5.38 -26.79
C ASP B 156 15.28 -6.10 -25.48
N ILE B 157 16.42 -6.29 -24.80
CA ILE B 157 16.44 -6.94 -23.50
C ILE B 157 15.77 -6.06 -22.47
N HIS B 158 16.03 -4.74 -22.43
CA HIS B 158 15.36 -3.83 -21.50
C HIS B 158 13.87 -3.76 -21.81
N LEU B 159 13.43 -3.81 -23.07
CA LEU B 159 12.00 -3.83 -23.34
C LEU B 159 11.38 -5.15 -22.92
N VAL B 160 11.94 -6.34 -23.25
CA VAL B 160 11.30 -7.62 -22.90
C VAL B 160 11.23 -7.83 -21.40
N GLU B 161 12.25 -7.46 -20.64
CA GLU B 161 12.22 -7.48 -19.19
C GLU B 161 11.01 -6.74 -18.68
N LEU B 162 10.73 -5.56 -19.24
CA LEU B 162 9.58 -4.77 -18.84
C LEU B 162 8.30 -5.50 -19.22
N LEU B 163 8.20 -6.14 -20.40
CA LEU B 163 7.01 -6.85 -20.82
C LEU B 163 6.74 -7.98 -19.87
N TYR B 164 7.73 -8.58 -19.22
CA TYR B 164 7.50 -9.57 -18.21
C TYR B 164 6.92 -8.87 -17.00
N TYR B 165 7.39 -7.69 -16.56
CA TYR B 165 6.81 -7.02 -15.41
C TYR B 165 5.41 -6.51 -15.64
N VAL B 166 5.05 -6.22 -16.88
CA VAL B 166 3.72 -5.70 -17.16
C VAL B 166 2.81 -6.90 -17.20
N GLU B 167 3.31 -8.08 -17.60
CA GLU B 167 2.48 -9.26 -17.63
C GLU B 167 2.08 -9.66 -16.22
N GLU B 168 2.96 -9.52 -15.24
CA GLU B 168 2.60 -9.82 -13.86
C GLU B 168 1.61 -8.79 -13.34
N LEU B 169 1.59 -7.59 -13.90
CA LEU B 169 0.71 -6.54 -13.42
C LEU B 169 -0.69 -6.82 -13.90
N ASP B 170 -0.80 -7.20 -15.17
CA ASP B 170 -2.05 -7.47 -15.84
C ASP B 170 -1.69 -8.06 -17.19
N SER B 171 -1.89 -9.37 -17.29
CA SER B 171 -1.64 -10.10 -18.51
C SER B 171 -2.53 -9.70 -19.70
N SER B 172 -3.53 -8.84 -19.52
CA SER B 172 -4.35 -8.43 -20.65
C SER B 172 -3.81 -7.26 -21.46
N LEU B 173 -2.92 -6.41 -20.92
CA LEU B 173 -2.48 -5.18 -21.60
C LEU B 173 -1.80 -5.36 -22.94
N ILE B 174 -0.88 -6.33 -23.03
CA ILE B 174 -0.14 -6.63 -24.24
C ILE B 174 -0.94 -7.18 -25.41
N SER B 175 -2.12 -7.77 -25.15
CA SER B 175 -2.89 -8.50 -26.15
C SER B 175 -3.22 -7.79 -27.46
N SER B 176 -3.42 -6.47 -27.40
CA SER B 176 -3.68 -5.68 -28.60
C SER B 176 -2.42 -5.17 -29.30
N PHE B 177 -1.27 -5.70 -28.87
CA PHE B 177 0.01 -5.30 -29.39
C PHE B 177 0.75 -6.55 -29.86
N PRO B 178 0.43 -7.03 -31.07
CA PRO B 178 0.96 -8.29 -31.59
C PRO B 178 2.46 -8.36 -31.85
N LEU B 179 3.07 -7.29 -32.40
CA LEU B 179 4.51 -7.25 -32.66
C LEU B 179 5.34 -7.24 -31.38
N LEU B 180 4.81 -6.71 -30.24
CA LEU B 180 5.51 -6.75 -28.97
C LEU B 180 5.42 -8.14 -28.39
N LYS B 181 4.23 -8.77 -28.54
CA LYS B 181 4.04 -10.17 -28.14
C LYS B 181 5.06 -11.03 -28.85
N ALA B 182 5.27 -10.77 -30.14
CA ALA B 182 6.20 -11.54 -30.94
C ALA B 182 7.64 -11.34 -30.51
N LEU B 183 8.03 -10.09 -30.19
CA LEU B 183 9.38 -9.79 -29.73
C LEU B 183 9.64 -10.45 -28.39
N LYS B 184 8.65 -10.46 -27.49
CA LYS B 184 8.81 -11.11 -26.19
C LYS B 184 9.14 -12.58 -26.40
N THR B 185 8.39 -13.26 -27.29
CA THR B 185 8.60 -14.68 -27.56
C THR B 185 9.99 -14.91 -28.10
N ARG B 186 10.35 -14.12 -29.11
CA ARG B 186 11.61 -14.25 -29.78
C ARG B 186 12.82 -14.08 -28.86
N ILE B 187 12.89 -12.99 -28.10
CA ILE B 187 14.01 -12.75 -27.20
C ILE B 187 14.00 -13.77 -26.07
N SER B 188 12.83 -14.29 -25.69
CA SER B 188 12.75 -15.27 -24.63
C SER B 188 13.31 -16.64 -25.00
N ASN B 189 13.41 -16.91 -26.32
CA ASN B 189 13.95 -18.18 -26.77
C ASN B 189 15.41 -18.10 -27.18
N LEU B 190 16.07 -16.94 -27.09
CA LEU B 190 17.50 -16.87 -27.36
C LEU B 190 18.18 -17.72 -26.29
N PRO B 191 19.20 -18.53 -26.50
CA PRO B 191 19.79 -19.38 -25.49
C PRO B 191 20.25 -18.71 -24.21
N THR B 192 20.79 -17.49 -24.26
CA THR B 192 21.24 -16.82 -23.06
C THR B 192 20.08 -16.32 -22.22
N VAL B 193 19.05 -15.77 -22.85
CA VAL B 193 17.92 -15.27 -22.10
C VAL B 193 17.11 -16.45 -21.57
N LYS B 194 16.92 -17.52 -22.37
CA LYS B 194 16.19 -18.75 -22.03
C LYS B 194 16.78 -19.41 -20.79
N LYS B 195 18.10 -19.49 -20.73
CA LYS B 195 18.83 -19.97 -19.57
C LYS B 195 18.44 -19.17 -18.34
N PHE B 196 18.34 -17.84 -18.48
CA PHE B 196 18.03 -16.94 -17.39
C PHE B 196 16.59 -17.09 -16.93
N LEU B 197 15.65 -17.33 -17.85
CA LEU B 197 14.24 -17.47 -17.50
C LEU B 197 13.92 -18.78 -16.82
N GLN B 198 14.78 -19.80 -17.02
CA GLN B 198 14.67 -21.11 -16.40
C GLN B 198 14.73 -21.12 -14.89
N PRO B 199 14.13 -22.11 -14.20
CA PRO B 199 14.14 -22.19 -12.76
C PRO B 199 15.36 -22.04 -11.89
N GLY B 200 16.62 -22.17 -12.26
CA GLY B 200 17.63 -22.01 -11.21
C GLY B 200 18.41 -20.70 -11.20
N SER B 201 18.04 -19.75 -12.07
CA SER B 201 18.85 -18.58 -12.38
C SER B 201 18.98 -17.47 -11.36
N PRO B 202 19.91 -16.49 -11.49
CA PRO B 202 20.08 -15.39 -10.57
C PRO B 202 18.92 -14.42 -10.64
N ARG B 203 17.97 -14.63 -11.55
CA ARG B 203 16.79 -13.83 -11.66
C ARG B 203 15.98 -13.81 -10.38
N LYS B 204 15.49 -12.60 -10.04
CA LYS B 204 14.74 -12.37 -8.83
C LYS B 204 13.23 -12.29 -8.98
N PRO B 205 12.45 -12.48 -7.91
CA PRO B 205 10.99 -12.47 -7.92
C PRO B 205 10.36 -11.14 -7.57
N PRO B 206 9.04 -10.95 -7.70
CA PRO B 206 8.31 -9.81 -7.16
C PRO B 206 8.61 -9.41 -5.73
N MET B 207 8.47 -8.13 -5.38
CA MET B 207 8.66 -7.66 -4.01
C MET B 207 7.46 -8.03 -3.20
N ASP B 208 7.67 -8.70 -2.07
CA ASP B 208 6.56 -8.98 -1.18
C ASP B 208 6.73 -8.20 0.10
N GLU B 209 5.79 -8.43 1.01
CA GLU B 209 5.74 -7.83 2.34
C GLU B 209 7.10 -7.89 3.02
N LYS B 210 7.72 -9.08 3.02
CA LYS B 210 8.96 -9.25 3.73
C LYS B 210 10.18 -8.68 3.04
N SER B 211 10.22 -8.60 1.70
CA SER B 211 11.35 -7.97 1.04
C SER B 211 11.32 -6.47 1.25
N LEU B 212 10.13 -5.85 1.18
CA LEU B 212 9.99 -4.42 1.37
C LEU B 212 10.30 -4.05 2.79
N GLU B 213 10.04 -4.96 3.73
CA GLU B 213 10.37 -4.78 5.13
C GLU B 213 11.89 -4.79 5.29
N GLU B 214 12.59 -5.72 4.65
CA GLU B 214 14.04 -5.81 4.70
C GLU B 214 14.67 -4.60 4.00
N ALA B 215 14.00 -4.09 2.95
CA ALA B 215 14.49 -2.97 2.16
C ALA B 215 14.44 -1.67 2.97
N ARG B 216 13.36 -1.45 3.72
CA ARG B 216 13.21 -0.31 4.59
C ARG B 216 14.21 -0.35 5.74
N LYS B 217 14.60 -1.54 6.18
CA LYS B 217 15.54 -1.65 7.28
C LYS B 217 16.96 -1.36 6.86
N ILE B 218 17.36 -1.88 5.70
CA ILE B 218 18.71 -1.69 5.20
C ILE B 218 18.87 -0.25 4.73
N PHE B 219 17.92 0.23 3.90
CA PHE B 219 18.04 1.53 3.31
C PHE B 219 17.36 2.66 4.07
N ARG B 220 16.89 2.38 5.29
CA ARG B 220 16.25 3.36 6.17
C ARG B 220 15.24 4.32 5.53
N PHE B 221 14.47 3.85 4.53
CA PHE B 221 13.48 4.73 3.92
C PHE B 221 12.08 4.56 4.49
N ALA C 1 0.56 -28.28 27.05
CA ALA C 1 0.39 -26.89 26.61
C ALA C 1 0.96 -26.62 25.19
N GLU C 2 0.39 -27.47 24.34
CA GLU C 2 0.50 -27.40 22.90
C GLU C 2 -0.94 -27.48 22.40
N LYS C 3 -1.75 -28.19 23.19
CA LYS C 3 -3.19 -28.25 23.05
C LYS C 3 -3.68 -26.91 23.57
N PRO C 4 -4.50 -26.17 22.79
CA PRO C 4 -5.26 -25.01 23.20
C PRO C 4 -6.05 -25.30 24.46
N LYS C 5 -6.12 -24.40 25.47
CA LYS C 5 -6.91 -24.67 26.65
C LYS C 5 -8.01 -23.64 26.59
N LEU C 6 -9.26 -24.08 26.43
CA LEU C 6 -10.36 -23.16 26.37
C LEU C 6 -10.89 -22.98 27.79
N HIS C 7 -10.92 -21.75 28.31
CA HIS C 7 -11.45 -21.43 29.64
C HIS C 7 -12.89 -20.95 29.53
N TYR C 8 -13.86 -21.68 30.10
CA TYR C 8 -15.27 -21.29 30.11
C TYR C 8 -16.06 -22.21 31.04
N PHE C 9 -17.38 -22.06 31.23
CA PHE C 9 -18.08 -23.02 32.05
C PHE C 9 -18.56 -24.16 31.16
N ASN C 10 -19.14 -25.20 31.74
CA ASN C 10 -19.52 -26.39 31.02
C ASN C 10 -20.85 -26.20 30.32
N ALA C 11 -20.84 -25.38 29.27
CA ALA C 11 -22.05 -25.10 28.53
C ALA C 11 -21.75 -24.58 27.16
N ARG C 12 -22.78 -24.56 26.31
CA ARG C 12 -22.70 -24.12 24.94
C ARG C 12 -22.18 -22.70 24.99
N GLY C 13 -23.01 -21.71 25.39
CA GLY C 13 -22.63 -20.33 25.62
C GLY C 13 -21.92 -19.67 24.46
N ARG C 14 -20.91 -18.87 24.82
CA ARG C 14 -20.14 -18.16 23.82
C ARG C 14 -18.88 -18.89 23.40
N MET C 15 -18.62 -20.10 23.91
CA MET C 15 -17.44 -20.87 23.56
C MET C 15 -17.73 -21.83 22.45
N GLU C 16 -18.97 -22.20 22.24
CA GLU C 16 -19.30 -23.22 21.27
C GLU C 16 -18.86 -23.01 19.86
N SER C 17 -18.87 -21.82 19.27
CA SER C 17 -18.40 -21.66 17.90
C SER C 17 -16.92 -21.95 17.78
N THR C 18 -16.13 -21.74 18.85
CA THR C 18 -14.71 -22.05 18.90
C THR C 18 -14.51 -23.55 18.95
N ARG C 19 -15.37 -24.24 19.74
CA ARG C 19 -15.31 -25.69 19.85
C ARG C 19 -15.56 -26.31 18.50
N TRP C 20 -16.52 -25.77 17.75
CA TRP C 20 -16.76 -26.24 16.39
C TRP C 20 -15.66 -25.81 15.46
N LEU C 21 -14.99 -24.64 15.55
CA LEU C 21 -14.04 -24.30 14.50
C LEU C 21 -12.80 -25.15 14.66
N LEU C 22 -12.35 -25.31 15.91
CA LEU C 22 -11.17 -26.09 16.23
C LEU C 22 -11.39 -27.53 15.87
N ALA C 23 -12.49 -28.15 16.29
CA ALA C 23 -12.78 -29.52 15.92
C ALA C 23 -12.89 -29.76 14.42
N ALA C 24 -13.57 -28.90 13.66
CA ALA C 24 -13.59 -29.04 12.20
C ALA C 24 -12.24 -28.86 11.55
N ALA C 25 -11.35 -28.08 12.17
CA ALA C 25 -10.00 -27.90 11.66
C ALA C 25 -9.11 -29.05 12.05
N GLY C 26 -9.65 -30.08 12.71
CA GLY C 26 -8.90 -31.26 13.14
C GLY C 26 -7.98 -31.05 14.33
N VAL C 27 -8.11 -29.95 15.05
CA VAL C 27 -7.22 -29.68 16.17
C VAL C 27 -7.78 -30.29 17.45
N GLU C 28 -6.92 -30.77 18.35
CA GLU C 28 -7.40 -31.36 19.58
C GLU C 28 -7.21 -30.34 20.68
N PHE C 29 -8.24 -30.01 21.45
CA PHE C 29 -8.11 -29.04 22.52
C PHE C 29 -8.40 -29.63 23.88
N GLU C 30 -8.03 -28.87 24.90
CA GLU C 30 -8.20 -29.20 26.31
C GLU C 30 -9.16 -28.16 26.89
N GLU C 31 -10.02 -28.46 27.88
CA GLU C 31 -10.94 -27.46 28.42
C GLU C 31 -10.78 -27.32 29.92
N LYS C 32 -10.65 -26.14 30.52
CA LYS C 32 -10.56 -26.01 31.97
C LYS C 32 -11.89 -25.41 32.37
N PHE C 33 -12.81 -26.13 33.03
CA PHE C 33 -14.10 -25.55 33.35
C PHE C 33 -14.15 -24.68 34.58
N ILE C 34 -14.99 -23.65 34.50
CA ILE C 34 -15.19 -22.73 35.61
C ILE C 34 -16.42 -23.31 36.26
N LYS C 35 -16.28 -23.71 37.52
CA LYS C 35 -17.38 -24.31 38.26
C LYS C 35 -18.13 -23.32 39.12
N SER C 36 -17.41 -22.30 39.61
CA SER C 36 -17.97 -21.33 40.54
C SER C 36 -17.57 -19.89 40.22
N ALA C 37 -18.21 -18.94 40.90
CA ALA C 37 -17.84 -17.55 40.78
C ALA C 37 -16.40 -17.35 41.21
N GLU C 38 -15.94 -18.10 42.23
CA GLU C 38 -14.56 -17.96 42.69
C GLU C 38 -13.57 -18.54 41.70
N ASP C 39 -14.00 -19.48 40.86
CA ASP C 39 -13.12 -19.98 39.82
C ASP C 39 -12.87 -18.87 38.83
N LEU C 40 -13.89 -18.03 38.58
CA LEU C 40 -13.75 -16.90 37.68
C LEU C 40 -12.94 -15.76 38.29
N ASP C 41 -13.10 -15.48 39.58
CA ASP C 41 -12.31 -14.44 40.20
C ASP C 41 -10.86 -14.81 40.32
N LYS C 42 -10.49 -16.09 40.47
CA LYS C 42 -9.08 -16.46 40.56
C LYS C 42 -8.42 -16.12 39.23
N LEU C 43 -9.14 -16.43 38.16
CA LEU C 43 -8.73 -16.20 36.79
C LEU C 43 -8.51 -14.72 36.54
N ARG C 44 -9.39 -13.87 37.09
CA ARG C 44 -9.30 -12.43 36.97
C ARG C 44 -8.09 -11.86 37.65
N ASN C 45 -7.94 -12.27 38.91
CA ASN C 45 -6.88 -11.77 39.77
C ASN C 45 -5.48 -12.16 39.31
N ASP C 46 -5.34 -13.31 38.63
CA ASP C 46 -4.08 -13.76 38.09
C ASP C 46 -3.67 -13.03 36.81
N GLY C 47 -4.53 -12.12 36.32
CA GLY C 47 -4.26 -11.31 35.12
C GLY C 47 -4.45 -12.03 33.79
N TYR C 48 -5.30 -13.06 33.77
CA TYR C 48 -5.55 -13.87 32.58
C TYR C 48 -6.62 -13.35 31.63
N LEU C 49 -7.55 -12.55 32.16
CA LEU C 49 -8.69 -12.07 31.42
C LEU C 49 -8.57 -10.57 31.18
N MET C 50 -8.21 -10.05 30.00
CA MET C 50 -8.00 -8.62 29.84
C MET C 50 -9.14 -7.69 30.21
N PHE C 51 -10.37 -8.12 29.93
CA PHE C 51 -11.54 -7.33 30.26
C PHE C 51 -12.39 -8.01 31.31
N GLN C 52 -11.80 -8.84 32.22
CA GLN C 52 -12.48 -9.57 33.29
C GLN C 52 -13.51 -10.60 32.86
N GLN C 53 -13.57 -10.94 31.58
CA GLN C 53 -14.55 -11.87 31.05
C GLN C 53 -13.95 -13.12 30.42
N VAL C 54 -14.79 -14.15 30.21
CA VAL C 54 -14.43 -15.33 29.42
C VAL C 54 -15.46 -15.44 28.27
N PRO C 55 -15.34 -16.04 27.07
CA PRO C 55 -14.29 -16.93 26.57
C PRO C 55 -12.87 -16.48 26.77
N MET C 56 -11.93 -17.37 27.09
CA MET C 56 -10.52 -17.02 27.04
C MET C 56 -9.86 -18.25 26.47
N VAL C 57 -8.84 -18.17 25.63
CA VAL C 57 -8.24 -19.33 25.02
C VAL C 57 -6.74 -19.16 25.10
N GLU C 58 -6.02 -20.10 25.74
CA GLU C 58 -4.57 -20.08 25.73
C GLU C 58 -4.20 -20.80 24.43
N ILE C 59 -3.63 -20.05 23.48
CA ILE C 59 -3.17 -20.59 22.21
C ILE C 59 -1.95 -19.78 21.78
N ASP C 60 -0.94 -20.51 21.29
CA ASP C 60 0.35 -19.99 20.82
C ASP C 60 1.01 -18.94 21.69
N GLY C 61 0.85 -19.22 22.99
CA GLY C 61 1.47 -18.42 24.02
C GLY C 61 0.72 -17.15 24.34
N MET C 62 -0.53 -17.04 23.91
CA MET C 62 -1.31 -15.84 24.15
C MET C 62 -2.50 -16.21 25.01
N LYS C 63 -2.94 -15.32 25.90
CA LYS C 63 -4.17 -15.56 26.64
C LYS C 63 -5.15 -14.70 25.85
N LEU C 64 -5.70 -15.22 24.76
CA LEU C 64 -6.64 -14.51 23.90
C LEU C 64 -8.02 -14.36 24.48
N VAL C 65 -8.54 -13.15 24.64
CA VAL C 65 -9.80 -13.08 25.30
C VAL C 65 -11.01 -12.76 24.48
N GLN C 66 -11.14 -12.11 23.33
CA GLN C 66 -12.52 -11.86 22.87
C GLN C 66 -13.14 -12.91 21.91
N THR C 67 -14.41 -13.41 21.86
CA THR C 67 -14.89 -14.40 20.88
C THR C 67 -14.39 -14.15 19.48
N ARG C 68 -14.66 -12.96 18.90
CA ARG C 68 -14.24 -12.68 17.55
C ARG C 68 -12.73 -12.62 17.41
N ALA C 69 -11.95 -12.28 18.42
CA ALA C 69 -10.51 -12.33 18.29
C ALA C 69 -10.01 -13.78 18.31
N ILE C 70 -10.61 -14.66 19.12
CA ILE C 70 -10.25 -16.08 19.21
C ILE C 70 -10.49 -16.75 17.85
N LEU C 71 -11.72 -16.64 17.31
CA LEU C 71 -12.12 -17.22 16.05
C LEU C 71 -11.35 -16.72 14.86
N ASN C 72 -11.05 -15.41 14.81
CA ASN C 72 -10.33 -14.86 13.67
C ASN C 72 -8.91 -15.40 13.58
N TYR C 73 -8.27 -15.66 14.74
CA TYR C 73 -6.92 -16.20 14.83
C TYR C 73 -6.88 -17.65 14.39
N ILE C 74 -7.71 -18.51 14.99
CA ILE C 74 -7.83 -19.90 14.63
C ILE C 74 -8.19 -20.03 13.16
N ALA C 75 -9.18 -19.29 12.66
CA ALA C 75 -9.55 -19.37 11.27
C ALA C 75 -8.39 -18.99 10.36
N SER C 76 -7.49 -18.08 10.76
CA SER C 76 -6.36 -17.71 9.90
C SER C 76 -5.25 -18.73 10.00
N LYS C 77 -5.01 -19.22 11.22
CA LYS C 77 -3.95 -20.15 11.48
C LYS C 77 -4.16 -21.44 10.71
N TYR C 78 -5.41 -21.90 10.58
CA TYR C 78 -5.71 -23.15 9.95
C TYR C 78 -6.32 -22.99 8.58
N ASN C 79 -6.00 -21.93 7.85
CA ASN C 79 -6.46 -21.73 6.48
C ASN C 79 -7.94 -21.82 6.15
N LEU C 80 -8.76 -21.44 7.14
CA LEU C 80 -10.19 -21.42 7.00
C LEU C 80 -10.74 -20.00 6.83
N TYR C 81 -9.94 -19.04 6.37
CA TYR C 81 -10.41 -17.66 6.22
C TYR C 81 -10.29 -17.11 4.80
N GLY C 82 -10.31 -17.91 3.73
CA GLY C 82 -10.26 -17.37 2.38
C GLY C 82 -8.84 -17.13 1.93
N LYS C 83 -8.62 -16.86 0.63
CA LYS C 83 -7.26 -16.71 0.13
C LYS C 83 -6.73 -15.29 0.11
N ASP C 84 -7.59 -14.29 -0.03
CA ASP C 84 -7.21 -12.89 -0.13
C ASP C 84 -8.23 -12.00 0.59
N ILE C 85 -8.05 -10.66 0.61
CA ILE C 85 -8.98 -9.80 1.33
C ILE C 85 -10.32 -9.60 0.70
N LYS C 86 -10.46 -9.75 -0.60
CA LYS C 86 -11.79 -9.67 -1.16
C LYS C 86 -12.55 -10.94 -0.79
N GLU C 87 -11.83 -12.05 -0.57
CA GLU C 87 -12.45 -13.32 -0.24
C GLU C 87 -12.79 -13.33 1.24
N ARG C 88 -11.96 -12.86 2.17
CA ARG C 88 -12.41 -12.77 3.55
C ARG C 88 -13.38 -11.60 3.77
N ALA C 89 -13.65 -10.69 2.82
CA ALA C 89 -14.66 -9.65 3.02
C ALA C 89 -16.01 -10.28 2.85
N LEU C 90 -16.15 -11.21 1.89
CA LEU C 90 -17.37 -11.98 1.74
C LEU C 90 -17.54 -12.90 2.94
N ILE C 91 -16.52 -13.63 3.42
CA ILE C 91 -16.64 -14.43 4.62
C ILE C 91 -17.07 -13.53 5.78
N ASP C 92 -16.45 -12.43 6.20
CA ASP C 92 -16.95 -11.57 7.28
C ASP C 92 -18.37 -11.06 7.13
N MET C 93 -18.85 -10.70 5.94
CA MET C 93 -20.22 -10.25 5.77
C MET C 93 -21.18 -11.41 6.03
N TYR C 94 -20.91 -12.62 5.54
CA TYR C 94 -21.79 -13.75 5.76
C TYR C 94 -21.78 -14.16 7.22
N ILE C 95 -20.62 -14.37 7.84
CA ILE C 95 -20.56 -14.83 9.21
C ILE C 95 -20.96 -13.81 10.25
N GLU C 96 -21.08 -12.53 9.89
CA GLU C 96 -21.58 -11.55 10.84
C GLU C 96 -23.10 -11.55 10.76
N GLY C 97 -23.71 -11.78 9.61
CA GLY C 97 -25.16 -12.02 9.59
C GLY C 97 -25.49 -13.25 10.45
N ILE C 98 -24.70 -14.33 10.36
CA ILE C 98 -24.87 -15.50 11.19
C ILE C 98 -24.69 -15.13 12.65
N ALA C 99 -23.73 -14.33 13.09
CA ALA C 99 -23.64 -13.96 14.49
C ALA C 99 -24.77 -13.07 14.96
N ASP C 100 -25.44 -12.26 14.11
CA ASP C 100 -26.58 -11.48 14.55
C ASP C 100 -27.68 -12.41 14.97
N LEU C 101 -28.05 -13.35 14.09
CA LEU C 101 -29.10 -14.33 14.36
C LEU C 101 -28.75 -15.21 15.51
N GLY C 102 -27.51 -15.66 15.55
CA GLY C 102 -27.02 -16.52 16.59
C GLY C 102 -27.08 -15.84 17.94
N GLU C 103 -26.92 -14.53 18.04
CA GLU C 103 -27.00 -13.86 19.33
C GLU C 103 -28.43 -13.89 19.85
N MET C 104 -29.41 -13.87 18.94
CA MET C 104 -30.81 -13.90 19.31
C MET C 104 -31.16 -15.22 19.94
N ILE C 105 -30.76 -16.32 19.29
CA ILE C 105 -30.97 -17.68 19.76
C ILE C 105 -30.19 -17.90 21.05
N LEU C 106 -28.96 -17.41 21.18
CA LEU C 106 -28.14 -17.62 22.37
C LEU C 106 -28.78 -17.05 23.61
N LEU C 107 -29.32 -15.84 23.50
CA LEU C 107 -29.86 -15.17 24.66
C LEU C 107 -31.32 -15.44 24.92
N LEU C 108 -32.00 -16.19 24.05
CA LEU C 108 -33.42 -16.46 24.24
C LEU C 108 -33.74 -17.12 25.58
N PRO C 109 -33.03 -18.11 26.16
CA PRO C 109 -33.27 -18.61 27.50
C PRO C 109 -33.19 -17.61 28.64
N VAL C 110 -32.57 -16.47 28.43
CA VAL C 110 -32.45 -15.48 29.48
C VAL C 110 -33.57 -14.45 29.30
N CYS C 111 -34.40 -14.51 28.25
CA CYS C 111 -35.45 -13.52 28.07
C CYS C 111 -36.57 -13.54 29.15
N PRO C 112 -37.03 -12.37 29.64
CA PRO C 112 -38.17 -12.21 30.53
C PRO C 112 -39.35 -13.05 30.06
N PRO C 113 -39.92 -13.93 30.90
CA PRO C 113 -40.90 -14.94 30.50
C PRO C 113 -42.10 -14.38 29.73
N GLU C 114 -42.49 -13.13 29.98
CA GLU C 114 -43.57 -12.49 29.22
C GLU C 114 -43.10 -12.49 27.78
N GLU C 115 -41.97 -11.81 27.54
CA GLU C 115 -41.34 -11.64 26.24
C GLU C 115 -40.94 -12.87 25.44
N LYS C 116 -40.57 -13.95 26.12
CA LYS C 116 -40.04 -15.16 25.50
C LYS C 116 -40.66 -15.66 24.21
N ASP C 117 -41.99 -15.78 24.11
CA ASP C 117 -42.62 -16.27 22.89
C ASP C 117 -42.79 -15.23 21.81
N ALA C 118 -42.72 -13.96 22.19
CA ALA C 118 -42.77 -12.88 21.21
C ALA C 118 -41.41 -12.77 20.52
N LYS C 119 -40.35 -12.99 21.31
CA LYS C 119 -38.98 -13.00 20.84
C LYS C 119 -38.79 -14.22 19.96
N LEU C 120 -39.26 -15.40 20.37
CA LEU C 120 -39.15 -16.58 19.56
C LEU C 120 -39.93 -16.45 18.26
N ALA C 121 -41.07 -15.76 18.26
CA ALA C 121 -41.81 -15.57 17.02
C ALA C 121 -41.07 -14.66 16.07
N LEU C 122 -40.34 -13.69 16.65
CA LEU C 122 -39.53 -12.77 15.88
C LEU C 122 -38.33 -13.47 15.30
N ILE C 123 -37.67 -14.39 16.04
CA ILE C 123 -36.53 -15.11 15.52
C ILE C 123 -36.99 -16.00 14.38
N LYS C 124 -38.17 -16.64 14.43
CA LYS C 124 -38.62 -17.44 13.29
C LYS C 124 -38.98 -16.61 12.07
N GLU C 125 -39.42 -15.37 12.24
CA GLU C 125 -39.70 -14.47 11.11
C GLU C 125 -38.41 -14.05 10.43
N LYS C 126 -37.36 -13.71 11.21
CA LYS C 126 -36.05 -13.37 10.70
C LYS C 126 -35.44 -14.53 9.93
N ILE C 127 -35.50 -15.78 10.43
CA ILE C 127 -34.96 -16.95 9.74
C ILE C 127 -35.64 -17.17 8.39
N LYS C 128 -36.96 -17.12 8.34
CA LYS C 128 -37.68 -17.30 7.09
C LYS C 128 -37.49 -16.24 6.04
N ASN C 129 -37.51 -14.97 6.46
CA ASN C 129 -37.51 -13.86 5.54
C ASN C 129 -36.18 -13.20 5.23
N ARG C 130 -35.30 -13.22 6.22
CA ARG C 130 -34.01 -12.53 6.15
C ARG C 130 -32.77 -13.39 6.06
N TYR C 131 -32.48 -14.25 7.03
CA TYR C 131 -31.22 -14.94 7.03
C TYR C 131 -31.13 -16.14 6.10
N PHE C 132 -32.05 -17.11 6.16
CA PHE C 132 -31.98 -18.25 5.27
C PHE C 132 -32.15 -17.94 3.80
N PRO C 133 -33.05 -17.08 3.31
CA PRO C 133 -33.08 -16.70 1.91
C PRO C 133 -31.78 -16.09 1.42
N ALA C 134 -31.07 -15.33 2.25
CA ALA C 134 -29.82 -14.68 1.86
C ALA C 134 -28.73 -15.67 1.52
N PHE C 135 -28.66 -16.74 2.32
CA PHE C 135 -27.68 -17.80 2.17
C PHE C 135 -28.09 -18.79 1.10
N GLU C 136 -29.40 -19.10 0.97
CA GLU C 136 -29.90 -19.89 -0.16
C GLU C 136 -29.47 -19.19 -1.44
N LYS C 137 -29.61 -17.85 -1.46
CA LYS C 137 -29.25 -17.07 -2.62
C LYS C 137 -27.75 -17.17 -2.93
N VAL C 138 -26.76 -17.15 -2.00
CA VAL C 138 -25.37 -17.21 -2.47
C VAL C 138 -25.02 -18.62 -2.92
N LEU C 139 -25.60 -19.68 -2.32
CA LEU C 139 -25.36 -21.04 -2.77
C LEU C 139 -25.99 -21.29 -4.13
N LYS C 140 -27.10 -20.61 -4.42
CA LYS C 140 -27.76 -20.75 -5.69
C LYS C 140 -27.04 -19.95 -6.77
N SER C 141 -26.38 -18.83 -6.45
CA SER C 141 -25.72 -18.02 -7.47
C SER C 141 -24.52 -18.67 -8.12
N HIS C 142 -23.64 -19.29 -7.33
CA HIS C 142 -22.46 -19.95 -7.89
C HIS C 142 -22.64 -21.44 -8.14
N GLY C 143 -23.66 -22.02 -7.49
CA GLY C 143 -23.97 -23.44 -7.60
C GLY C 143 -22.85 -24.34 -7.14
N GLN C 144 -21.90 -23.82 -6.37
CA GLN C 144 -20.80 -24.61 -5.83
C GLN C 144 -21.11 -25.15 -4.44
N ASP C 145 -20.22 -26.02 -3.99
CA ASP C 145 -20.41 -26.72 -2.73
C ASP C 145 -20.15 -25.96 -1.47
N TYR C 146 -19.41 -24.87 -1.62
CA TYR C 146 -19.06 -24.06 -0.48
C TYR C 146 -19.55 -22.64 -0.58
N LEU C 147 -19.73 -21.98 0.57
CA LEU C 147 -20.22 -20.63 0.54
C LEU C 147 -19.26 -19.68 -0.14
N VAL C 148 -17.93 -19.70 0.11
CA VAL C 148 -17.11 -18.71 -0.55
C VAL C 148 -16.17 -19.22 -1.60
N GLY C 149 -14.94 -19.70 -1.45
CA GLY C 149 -14.18 -19.90 -2.70
C GLY C 149 -14.16 -21.30 -3.26
N ASN C 150 -15.25 -22.06 -3.24
CA ASN C 150 -15.28 -23.45 -3.67
C ASN C 150 -14.21 -24.28 -2.97
N LYS C 151 -13.99 -23.86 -1.71
CA LYS C 151 -13.02 -24.40 -0.78
C LYS C 151 -13.70 -24.24 0.59
N LEU C 152 -13.63 -25.19 1.53
CA LEU C 152 -14.21 -25.05 2.88
C LEU C 152 -13.59 -23.88 3.60
N SER C 153 -14.44 -23.14 4.33
CA SER C 153 -13.97 -22.04 5.15
C SER C 153 -14.79 -22.02 6.42
N ARG C 154 -14.46 -21.07 7.28
CA ARG C 154 -15.20 -20.82 8.50
C ARG C 154 -16.64 -20.40 8.22
N ALA C 155 -17.00 -19.84 7.07
CA ALA C 155 -18.35 -19.43 6.81
C ALA C 155 -19.26 -20.64 6.75
N ASP C 156 -18.77 -21.81 6.30
CA ASP C 156 -19.56 -23.03 6.20
C ASP C 156 -19.75 -23.68 7.53
N ILE C 157 -18.71 -23.78 8.36
CA ILE C 157 -18.82 -24.36 9.69
C ILE C 157 -19.68 -23.49 10.58
N HIS C 158 -19.51 -22.16 10.58
CA HIS C 158 -20.34 -21.26 11.36
C HIS C 158 -21.78 -21.29 10.85
N LEU C 159 -22.05 -21.43 9.55
CA LEU C 159 -23.43 -21.55 9.10
C LEU C 159 -24.01 -22.90 9.51
N VAL C 160 -23.35 -24.06 9.32
CA VAL C 160 -23.94 -25.36 9.64
C VAL C 160 -24.22 -25.50 11.12
N GLU C 161 -23.32 -25.04 12.00
CA GLU C 161 -23.55 -25.00 13.44
C GLU C 161 -24.86 -24.31 13.74
N LEU C 162 -25.13 -23.18 13.09
CA LEU C 162 -26.37 -22.46 13.28
C LEU C 162 -27.54 -23.28 12.78
N LEU C 163 -27.45 -23.98 11.63
CA LEU C 163 -28.52 -24.79 11.09
C LEU C 163 -28.86 -25.90 12.06
N TYR C 164 -27.91 -26.39 12.87
CA TYR C 164 -28.23 -27.35 13.90
C TYR C 164 -29.00 -26.63 14.98
N TYR C 165 -28.66 -25.41 15.40
CA TYR C 165 -29.44 -24.73 16.44
C TYR C 165 -30.82 -24.33 15.99
N VAL C 166 -31.02 -24.11 14.70
CA VAL C 166 -32.33 -23.70 14.23
C VAL C 166 -33.16 -24.95 14.14
N GLU C 167 -32.55 -26.11 13.86
CA GLU C 167 -33.29 -27.35 13.78
C GLU C 167 -33.84 -27.72 15.14
N GLU C 168 -33.12 -27.47 16.23
CA GLU C 168 -33.64 -27.72 17.56
C GLU C 168 -34.74 -26.74 17.90
N LEU C 169 -34.77 -25.58 17.26
CA LEU C 169 -35.76 -24.58 17.59
C LEU C 169 -37.08 -24.96 16.94
N ASP C 170 -36.98 -25.40 15.68
CA ASP C 170 -38.11 -25.79 14.87
C ASP C 170 -37.54 -26.41 13.61
N SER C 171 -37.65 -27.74 13.55
CA SER C 171 -37.20 -28.50 12.41
C SER C 171 -37.93 -28.21 11.10
N SER C 172 -39.00 -27.41 11.09
CA SER C 172 -39.68 -27.11 9.86
C SER C 172 -39.11 -25.94 9.06
N LEU C 173 -38.35 -25.00 9.67
CA LEU C 173 -37.90 -23.79 8.99
C LEU C 173 -37.03 -23.98 7.76
N ILE C 174 -36.07 -24.89 7.84
CA ILE C 174 -35.15 -25.19 6.76
C ILE C 174 -35.74 -25.85 5.52
N SER C 175 -36.91 -26.50 5.65
CA SER C 175 -37.50 -27.32 4.61
C SER C 175 -37.68 -26.70 3.22
N SER C 176 -37.97 -25.40 3.19
CA SER C 176 -38.12 -24.67 1.93
C SER C 176 -36.81 -24.12 1.37
N PHE C 177 -35.70 -24.55 1.98
CA PHE C 177 -34.38 -24.08 1.60
C PHE C 177 -33.51 -25.30 1.29
N PRO C 178 -33.64 -25.86 0.09
CA PRO C 178 -32.96 -27.09 -0.30
C PRO C 178 -31.43 -27.07 -0.34
N LEU C 179 -30.83 -25.99 -0.86
CA LEU C 179 -29.37 -25.88 -0.93
C LEU C 179 -28.72 -25.74 0.45
N LEU C 180 -29.44 -25.22 1.47
CA LEU C 180 -28.92 -25.14 2.82
C LEU C 180 -29.00 -26.51 3.46
N LYS C 181 -30.10 -27.22 3.19
CA LYS C 181 -30.27 -28.61 3.63
C LYS C 181 -29.12 -29.44 3.11
N ALA C 182 -28.75 -29.22 1.85
CA ALA C 182 -27.67 -29.97 1.21
C ALA C 182 -26.32 -29.65 1.82
N LEU C 183 -26.05 -28.37 2.13
CA LEU C 183 -24.80 -27.96 2.74
C LEU C 183 -24.68 -28.52 4.14
N LYS C 184 -25.78 -28.57 4.91
CA LYS C 184 -25.76 -29.15 6.23
C LYS C 184 -25.31 -30.61 6.14
N THR C 185 -25.90 -31.38 5.21
CA THR C 185 -25.56 -32.78 5.04
C THR C 185 -24.10 -32.94 4.70
N ARG C 186 -23.66 -32.17 3.71
CA ARG C 186 -22.31 -32.25 3.22
C ARG C 186 -21.26 -31.96 4.27
N ILE C 187 -21.36 -30.84 4.98
CA ILE C 187 -20.37 -30.49 6.01
C ILE C 187 -20.47 -31.46 7.17
N SER C 188 -21.66 -32.03 7.42
CA SER C 188 -21.81 -32.96 8.52
C SER C 188 -21.13 -34.31 8.30
N ASN C 189 -20.83 -34.63 7.03
CA ASN C 189 -20.16 -35.88 6.72
C ASN C 189 -18.68 -35.71 6.49
N LEU C 190 -18.10 -34.52 6.61
CA LEU C 190 -16.65 -34.37 6.53
C LEU C 190 -16.07 -35.11 7.71
N PRO C 191 -14.99 -35.86 7.68
CA PRO C 191 -14.49 -36.63 8.81
C PRO C 191 -14.25 -35.87 10.10
N THR C 192 -13.78 -34.63 10.06
CA THR C 192 -13.54 -33.87 11.27
C THR C 192 -14.82 -33.41 11.93
N VAL C 193 -15.80 -32.96 11.14
CA VAL C 193 -17.05 -32.51 11.70
C VAL C 193 -17.84 -33.72 12.18
N LYS C 194 -17.87 -34.83 11.41
CA LYS C 194 -18.56 -36.09 11.73
C LYS C 194 -18.10 -36.65 13.07
N LYS C 195 -16.79 -36.65 13.31
CA LYS C 195 -16.20 -37.02 14.57
C LYS C 195 -16.81 -36.19 15.70
N PHE C 196 -16.97 -34.88 15.47
CA PHE C 196 -17.47 -33.96 16.48
C PHE C 196 -18.95 -34.18 16.75
N LEU C 197 -19.75 -34.53 15.72
CA LEU C 197 -21.16 -34.75 15.89
C LEU C 197 -21.50 -36.05 16.60
N GLN C 198 -20.57 -37.01 16.55
CA GLN C 198 -20.67 -38.30 17.22
C GLN C 198 -20.83 -38.24 18.73
N PRO C 199 -21.45 -39.23 19.38
CA PRO C 199 -21.63 -39.26 20.82
C PRO C 199 -20.55 -38.99 21.82
N GLY C 200 -19.23 -39.03 21.63
CA GLY C 200 -18.39 -38.77 22.80
C GLY C 200 -17.70 -37.40 22.84
N SER C 201 -18.01 -36.53 21.89
CA SER C 201 -17.25 -35.32 21.62
C SER C 201 -17.31 -34.15 22.60
N PRO C 202 -16.44 -33.13 22.53
CA PRO C 202 -16.46 -31.99 23.41
C PRO C 202 -17.66 -31.10 23.14
N ARG C 203 -18.46 -31.40 22.11
CA ARG C 203 -19.66 -30.68 21.81
C ARG C 203 -20.63 -30.66 22.97
N LYS C 204 -21.24 -29.49 23.18
CA LYS C 204 -22.16 -29.24 24.27
C LYS C 204 -23.64 -29.28 23.92
N PRO C 205 -24.53 -29.48 24.88
CA PRO C 205 -25.98 -29.56 24.68
C PRO C 205 -26.74 -28.25 24.87
N PRO C 206 -28.04 -28.16 24.57
CA PRO C 206 -28.90 -27.05 24.94
C PRO C 206 -28.81 -26.57 26.39
N MET C 207 -29.08 -25.29 26.64
CA MET C 207 -29.11 -24.75 28.00
C MET C 207 -30.38 -25.16 28.67
N ASP C 208 -30.28 -25.76 29.85
CA ASP C 208 -31.48 -26.08 30.58
C ASP C 208 -31.54 -25.23 31.84
N GLU C 209 -32.58 -25.49 32.64
CA GLU C 209 -32.84 -24.83 33.91
C GLU C 209 -31.58 -24.77 34.76
N LYS C 210 -30.90 -25.91 34.90
CA LYS C 210 -29.76 -25.97 35.79
C LYS C 210 -28.49 -25.35 35.23
N SER C 211 -28.27 -25.32 33.91
CA SER C 211 -27.11 -24.66 33.36
C SER C 211 -27.26 -23.16 33.50
N LEU C 212 -28.46 -22.61 33.23
CA LEU C 212 -28.72 -21.19 33.33
C LEU C 212 -28.62 -20.74 34.77
N GLU C 213 -28.95 -21.63 35.70
CA GLU C 213 -28.82 -21.37 37.12
C GLU C 213 -27.34 -21.26 37.49
N GLU C 214 -26.50 -22.18 36.99
CA GLU C 214 -25.06 -22.16 37.24
C GLU C 214 -24.43 -20.94 36.56
N ALA C 215 -24.98 -20.52 35.40
CA ALA C 215 -24.45 -19.41 34.63
C ALA C 215 -24.69 -18.09 35.36
N ARG C 216 -25.88 -17.91 35.94
CA ARG C 216 -26.20 -16.74 36.72
C ARG C 216 -25.38 -16.67 38.00
N LYS C 217 -24.97 -17.80 38.55
CA LYS C 217 -24.19 -17.80 39.77
C LYS C 217 -22.73 -17.43 39.53
N ILE C 218 -22.16 -17.97 38.45
CA ILE C 218 -20.78 -17.72 38.13
C ILE C 218 -20.64 -16.30 37.60
N PHE C 219 -21.48 -15.93 36.64
CA PHE C 219 -21.37 -14.63 36.00
C PHE C 219 -22.21 -13.53 36.60
N ARG C 220 -22.82 -13.78 37.76
CA ARG C 220 -23.63 -12.80 38.50
C ARG C 220 -24.60 -11.96 37.67
N PHE C 221 -25.21 -12.51 36.62
CA PHE C 221 -26.15 -11.73 35.83
C PHE C 221 -27.61 -11.98 36.22
N ALA D 1 -17.43 7.05 -8.76
CA ALA D 1 -17.46 5.69 -8.19
C ALA D 1 -16.06 5.00 -8.16
N GLU D 2 -15.23 5.80 -7.49
CA GLU D 2 -13.89 5.42 -7.08
C GLU D 2 -13.84 5.79 -5.59
N LYS D 3 -14.61 6.84 -5.26
CA LYS D 3 -14.88 7.25 -3.91
C LYS D 3 -15.88 6.23 -3.38
N PRO D 4 -15.61 5.60 -2.23
CA PRO D 4 -16.53 4.79 -1.45
C PRO D 4 -17.83 5.52 -1.23
N LYS D 5 -19.01 4.89 -1.36
CA LYS D 5 -20.26 5.58 -1.09
C LYS D 5 -20.82 4.91 0.14
N LEU D 6 -20.92 5.62 1.25
CA LEU D 6 -21.44 5.03 2.45
C LEU D 6 -22.94 5.29 2.47
N HIS D 7 -23.76 4.24 2.54
CA HIS D 7 -25.23 4.34 2.63
C HIS D 7 -25.68 4.26 4.08
N TYR D 8 -26.29 5.31 4.62
CA TYR D 8 -26.83 5.33 5.99
C TYR D 8 -27.67 6.59 6.20
N PHE D 9 -28.27 6.85 7.38
CA PHE D 9 -28.97 8.11 7.55
C PHE D 9 -27.98 9.12 8.09
N ASN D 10 -28.40 10.38 8.21
CA ASN D 10 -27.52 11.47 8.58
C ASN D 10 -27.34 11.52 10.09
N ALA D 11 -26.60 10.53 10.60
CA ALA D 11 -26.36 10.45 12.03
C ALA D 11 -25.14 9.61 12.33
N ARG D 12 -24.69 9.71 13.58
CA ARG D 12 -23.52 9.01 14.08
C ARG D 12 -23.80 7.53 13.85
N GLY D 13 -24.67 6.91 14.66
CA GLY D 13 -25.16 5.55 14.49
C GLY D 13 -24.07 4.51 14.38
N ARG D 14 -24.31 3.56 13.49
CA ARG D 14 -23.36 2.48 13.26
C ARG D 14 -22.41 2.75 12.12
N MET D 15 -22.47 3.92 11.47
CA MET D 15 -21.59 4.25 10.37
C MET D 15 -20.39 5.02 10.84
N GLU D 16 -20.47 5.67 11.98
CA GLU D 16 -19.41 6.53 12.43
C GLU D 16 -18.04 5.94 12.57
N SER D 17 -17.83 4.69 13.01
CA SER D 17 -16.48 4.16 13.10
C SER D 17 -15.84 4.02 11.72
N THR D 18 -16.65 3.82 10.67
CA THR D 18 -16.19 3.73 9.28
C THR D 18 -15.78 5.10 8.80
N ARG D 19 -16.56 6.13 9.17
CA ARG D 19 -16.25 7.50 8.80
C ARG D 19 -14.92 7.90 9.39
N TRP D 20 -14.65 7.50 10.64
CA TRP D 20 -13.36 7.74 11.24
C TRP D 20 -12.29 6.86 10.65
N LEU D 21 -12.50 5.59 10.24
CA LEU D 21 -11.35 4.82 9.80
C LEU D 21 -10.90 5.32 8.45
N LEU D 22 -11.87 5.58 7.56
CA LEU D 22 -11.61 6.06 6.22
C LEU D 22 -10.94 7.41 6.27
N ALA D 23 -11.49 8.37 7.02
CA ALA D 23 -10.85 9.67 7.14
C ALA D 23 -9.45 9.63 7.74
N ALA D 24 -9.18 8.86 8.78
CA ALA D 24 -7.83 8.72 9.30
C ALA D 24 -6.88 8.06 8.32
N ALA D 25 -7.39 7.20 7.43
CA ALA D 25 -6.58 6.56 6.42
C ALA D 25 -6.36 7.49 5.25
N GLY D 26 -6.84 8.74 5.31
CA GLY D 26 -6.69 9.72 4.25
C GLY D 26 -7.55 9.50 3.02
N VAL D 27 -8.56 8.64 3.09
CA VAL D 27 -9.40 8.36 1.94
C VAL D 27 -10.56 9.34 1.88
N GLU D 28 -11.01 9.74 0.68
CA GLU D 28 -12.12 10.65 0.58
C GLU D 28 -13.34 9.86 0.20
N PHE D 29 -14.45 9.98 0.95
CA PHE D 29 -15.64 9.22 0.63
C PHE D 29 -16.82 10.13 0.30
N GLU D 30 -17.85 9.50 -0.26
CA GLU D 30 -19.09 10.14 -0.65
C GLU D 30 -20.20 9.53 0.21
N GLU D 31 -21.28 10.24 0.59
CA GLU D 31 -22.32 9.66 1.44
C GLU D 31 -23.68 9.77 0.79
N LYS D 32 -24.52 8.73 0.68
CA LYS D 32 -25.84 8.86 0.12
C LYS D 32 -26.78 8.75 1.31
N PHE D 33 -27.45 9.79 1.78
CA PHE D 33 -28.29 9.66 2.97
C PHE D 33 -29.66 9.09 2.74
N ILE D 34 -30.13 8.33 3.73
CA ILE D 34 -31.45 7.74 3.70
C ILE D 34 -32.25 8.75 4.50
N LYS D 35 -33.25 9.31 3.83
CA LYS D 35 -34.09 10.33 4.46
C LYS D 35 -35.37 9.76 5.03
N SER D 36 -35.88 8.70 4.41
CA SER D 36 -37.16 8.11 4.78
C SER D 36 -37.15 6.60 4.79
N ALA D 37 -38.22 6.01 5.32
CA ALA D 37 -38.36 4.57 5.29
C ALA D 37 -38.40 4.08 3.86
N GLU D 38 -38.99 4.85 2.93
CA GLU D 38 -39.04 4.44 1.53
C GLU D 38 -37.68 4.51 0.86
N ASP D 39 -36.79 5.36 1.38
CA ASP D 39 -35.44 5.39 0.84
C ASP D 39 -34.76 4.08 1.17
N LEU D 40 -35.06 3.52 2.35
CA LEU D 40 -34.50 2.24 2.77
C LEU D 40 -35.14 1.08 2.03
N ASP D 41 -36.45 1.11 1.76
CA ASP D 41 -37.06 0.02 1.02
C ASP D 41 -36.64 0.01 -0.43
N LYS D 42 -36.30 1.13 -1.06
CA LYS D 42 -35.87 1.11 -2.45
C LYS D 42 -34.57 0.36 -2.52
N LEU D 43 -33.71 0.64 -1.54
CA LEU D 43 -32.40 0.05 -1.39
C LEU D 43 -32.50 -1.45 -1.21
N ARG D 44 -33.50 -1.90 -0.44
CA ARG D 44 -33.75 -3.32 -0.21
C ARG D 44 -34.18 -4.04 -1.46
N ASN D 45 -35.18 -3.46 -2.12
CA ASN D 45 -35.78 -4.05 -3.29
C ASN D 45 -34.85 -4.15 -4.48
N ASP D 46 -33.88 -3.23 -4.60
CA ASP D 46 -32.87 -3.26 -5.65
C ASP D 46 -31.78 -4.31 -5.43
N GLY D 47 -31.83 -5.02 -4.29
CA GLY D 47 -30.88 -6.09 -3.97
C GLY D 47 -29.52 -5.62 -3.46
N TYR D 48 -29.47 -4.42 -2.87
CA TYR D 48 -28.23 -3.82 -2.38
C TYR D 48 -27.82 -4.20 -0.96
N LEU D 49 -28.80 -4.60 -0.15
CA LEU D 49 -28.60 -4.89 1.26
C LEU D 49 -28.76 -6.38 1.51
N MET D 50 -27.71 -7.20 1.70
CA MET D 50 -27.88 -8.65 1.84
C MET D 50 -28.82 -9.13 2.94
N PHE D 51 -28.82 -8.45 4.07
CA PHE D 51 -29.68 -8.81 5.17
C PHE D 51 -30.71 -7.73 5.46
N GLN D 52 -31.12 -6.94 4.45
CA GLN D 52 -32.12 -5.87 4.55
C GLN D 52 -31.74 -4.69 5.45
N GLN D 53 -30.48 -4.60 5.88
CA GLN D 53 -30.05 -3.56 6.79
C GLN D 53 -28.95 -2.67 6.23
N VAL D 54 -28.72 -1.51 6.87
CA VAL D 54 -27.58 -0.64 6.61
C VAL D 54 -26.80 -0.49 7.93
N PRO D 55 -25.49 -0.19 8.13
CA PRO D 55 -24.50 0.27 7.17
C PRO D 55 -24.37 -0.50 5.89
N MET D 56 -24.15 0.15 4.75
CA MET D 56 -23.78 -0.58 3.54
C MET D 56 -22.72 0.31 2.90
N VAL D 57 -21.68 -0.22 2.28
CA VAL D 57 -20.62 0.59 1.72
C VAL D 57 -20.30 0.04 0.34
N GLU D 58 -20.42 0.86 -0.71
CA GLU D 58 -19.99 0.44 -2.03
C GLU D 58 -18.49 0.77 -2.06
N ILE D 59 -17.66 -0.28 -2.10
CA ILE D 59 -16.21 -0.14 -2.17
C ILE D 59 -15.68 -1.32 -2.98
N ASP D 60 -14.73 -1.00 -3.88
CA ASP D 60 -14.06 -1.92 -4.79
C ASP D 60 -14.94 -2.92 -5.51
N GLY D 61 -16.10 -2.37 -5.87
CA GLY D 61 -17.09 -3.08 -6.65
C GLY D 61 -17.95 -4.02 -5.83
N MET D 62 -17.95 -3.88 -4.52
CA MET D 62 -18.73 -4.74 -3.66
C MET D 62 -19.76 -3.90 -2.95
N LYS D 63 -20.95 -4.45 -2.68
CA LYS D 63 -21.93 -3.75 -1.87
C LYS D 63 -21.73 -4.45 -0.52
N LEU D 64 -20.76 -4.01 0.27
CA LEU D 64 -20.44 -4.60 1.57
C LEU D 64 -21.43 -4.26 2.65
N VAL D 65 -22.06 -5.23 3.30
CA VAL D 65 -23.05 -4.82 4.25
C VAL D 65 -22.74 -4.95 5.70
N GLN D 66 -21.91 -5.75 6.35
CA GLN D 66 -21.96 -5.71 7.82
C GLN D 66 -20.99 -4.73 8.53
N THR D 67 -21.18 -3.93 9.63
CA THR D 67 -20.15 -3.05 10.22
C THR D 67 -18.79 -3.70 10.30
N ARG D 68 -18.66 -4.85 10.97
CA ARG D 68 -17.38 -5.49 11.11
C ARG D 68 -16.82 -5.98 9.80
N ALA D 69 -17.60 -6.33 8.79
CA ALA D 69 -17.04 -6.68 7.50
C ALA D 69 -16.52 -5.46 6.76
N ILE D 70 -17.20 -4.31 6.86
CA ILE D 70 -16.79 -3.04 6.24
C ILE D 70 -15.43 -2.62 6.80
N LEU D 71 -15.33 -2.50 8.14
CA LEU D 71 -14.13 -2.07 8.84
C LEU D 71 -12.96 -2.99 8.65
N ASN D 72 -13.17 -4.32 8.64
CA ASN D 72 -12.07 -5.25 8.49
C ASN D 72 -11.43 -5.15 7.12
N TYR D 73 -12.23 -4.85 6.07
CA TYR D 73 -11.75 -4.69 4.70
C TYR D 73 -10.95 -3.42 4.55
N ILE D 74 -11.51 -2.27 4.93
CA ILE D 74 -10.83 -0.99 4.90
C ILE D 74 -9.57 -1.05 5.73
N ALA D 75 -9.60 -1.59 6.96
CA ALA D 75 -8.42 -1.68 7.76
C ALA D 75 -7.35 -2.53 7.11
N SER D 76 -7.69 -3.55 6.30
CA SER D 76 -6.67 -4.37 5.65
C SER D 76 -6.16 -3.69 4.41
N LYS D 77 -7.06 -3.07 3.66
CA LYS D 77 -6.73 -2.42 2.42
C LYS D 77 -5.74 -1.30 2.64
N TYR D 78 -5.88 -0.55 3.73
CA TYR D 78 -5.04 0.59 4.00
C TYR D 78 -4.01 0.34 5.07
N ASN D 79 -3.54 -0.88 5.23
CA ASN D 79 -2.48 -1.21 6.19
C ASN D 79 -2.58 -0.79 7.64
N LEU D 80 -3.83 -0.74 8.10
CA LEU D 80 -4.14 -0.39 9.48
C LEU D 80 -4.53 -1.62 10.30
N TYR D 81 -4.14 -2.83 9.92
CA TYR D 81 -4.51 -4.03 10.67
C TYR D 81 -3.33 -4.85 11.16
N GLY D 82 -2.14 -4.30 11.40
CA GLY D 82 -1.04 -5.09 11.93
C GLY D 82 -0.25 -5.80 10.84
N LYS D 83 0.91 -6.36 11.15
CA LYS D 83 1.73 -6.96 10.11
C LYS D 83 1.53 -8.45 9.90
N ASP D 84 1.12 -9.18 10.93
CA ASP D 84 0.94 -10.63 10.89
C ASP D 84 -0.25 -11.05 11.73
N ILE D 85 -0.60 -12.36 11.82
CA ILE D 85 -1.76 -12.78 12.58
C ILE D 85 -1.63 -12.72 14.07
N LYS D 86 -0.44 -12.80 14.62
CA LYS D 86 -0.35 -12.62 16.06
C LYS D 86 -0.56 -11.15 16.38
N GLU D 87 -0.25 -10.25 15.44
CA GLU D 87 -0.40 -8.82 15.63
C GLU D 87 -1.84 -8.44 15.43
N ARG D 88 -2.58 -8.92 14.42
CA ARG D 88 -3.99 -8.63 14.37
C ARG D 88 -4.81 -9.42 15.41
N ALA D 89 -4.27 -10.39 16.16
CA ALA D 89 -5.02 -11.05 17.21
C ALA D 89 -5.10 -10.13 18.39
N LEU D 90 -4.01 -9.39 18.68
CA LEU D 90 -4.02 -8.36 19.70
C LEU D 90 -4.93 -7.23 19.26
N ILE D 91 -4.86 -6.72 18.02
CA ILE D 91 -5.78 -5.70 17.56
C ILE D 91 -7.21 -6.20 17.70
N ASP D 92 -7.71 -7.34 17.20
CA ASP D 92 -9.08 -7.80 17.43
C ASP D 92 -9.50 -7.93 18.89
N MET D 93 -8.66 -8.36 19.82
CA MET D 93 -9.03 -8.45 21.21
C MET D 93 -9.24 -7.05 21.79
N TYR D 94 -8.37 -6.08 21.48
CA TYR D 94 -8.53 -4.73 21.99
C TYR D 94 -9.75 -4.07 21.40
N ILE D 95 -9.91 -4.06 20.07
CA ILE D 95 -11.03 -3.37 19.45
C ILE D 95 -12.39 -4.03 19.63
N GLU D 96 -12.43 -5.27 20.12
CA GLU D 96 -13.71 -5.87 20.44
C GLU D 96 -14.10 -5.48 21.84
N GLY D 97 -13.17 -5.32 22.78
CA GLY D 97 -13.50 -4.71 24.05
C GLY D 97 -14.06 -3.29 23.82
N ILE D 98 -13.45 -2.51 22.93
CA ILE D 98 -13.94 -1.19 22.56
C ILE D 98 -15.32 -1.30 21.96
N ALA D 99 -15.65 -2.24 21.07
CA ALA D 99 -17.02 -2.33 20.56
C ALA D 99 -18.02 -2.79 21.61
N ASP D 100 -17.66 -3.52 22.67
CA ASP D 100 -18.61 -3.87 23.71
C ASP D 100 -19.07 -2.62 24.39
N LEU D 101 -18.12 -1.79 24.86
CA LEU D 101 -18.40 -0.54 25.55
C LEU D 101 -19.12 0.42 24.65
N GLY D 102 -18.67 0.52 23.40
CA GLY D 102 -19.24 1.40 22.43
C GLY D 102 -20.67 1.03 22.14
N GLU D 103 -21.07 -0.22 22.21
CA GLU D 103 -22.46 -0.58 21.95
C GLU D 103 -23.35 -0.07 23.07
N MET D 104 -22.81 0.01 24.30
CA MET D 104 -23.57 0.47 25.45
C MET D 104 -23.88 1.95 25.30
N ILE D 105 -22.87 2.76 24.95
CA ILE D 105 -22.99 4.19 24.71
C ILE D 105 -23.88 4.42 23.50
N LEU D 106 -23.77 3.65 22.42
CA LEU D 106 -24.56 3.86 21.21
C LEU D 106 -26.04 3.73 21.46
N LEU D 107 -26.42 2.72 22.22
CA LEU D 107 -27.82 2.46 22.44
C LEU D 107 -28.42 3.15 23.64
N LEU D 108 -27.63 3.88 24.43
CA LEU D 108 -28.14 4.57 25.60
C LEU D 108 -29.28 5.52 25.30
N PRO D 109 -29.33 6.38 24.25
CA PRO D 109 -30.50 7.18 23.91
C PRO D 109 -31.80 6.43 23.63
N VAL D 110 -31.72 5.14 23.35
CA VAL D 110 -32.92 4.38 23.05
C VAL D 110 -33.37 3.69 24.34
N CYS D 111 -32.63 3.76 25.46
CA CYS D 111 -33.06 3.08 26.68
C CYS D 111 -34.36 3.61 27.31
N PRO D 112 -35.28 2.72 27.79
CA PRO D 112 -36.47 3.06 28.54
C PRO D 112 -36.16 4.08 29.63
N PRO D 113 -36.86 5.23 29.70
CA PRO D 113 -36.50 6.36 30.54
C PRO D 113 -36.31 6.02 32.01
N GLU D 114 -37.00 4.99 32.53
CA GLU D 114 -36.80 4.52 33.90
C GLU D 114 -35.33 4.12 33.98
N GLU D 115 -34.98 3.13 33.15
CA GLU D 115 -33.64 2.54 33.07
C GLU D 115 -32.46 3.45 32.76
N LYS D 116 -32.67 4.49 31.97
CA LYS D 116 -31.62 5.37 31.47
C LYS D 116 -30.48 5.76 32.41
N ASP D 117 -30.76 6.21 33.63
CA ASP D 117 -29.69 6.61 34.55
C ASP D 117 -29.03 5.47 35.28
N ALA D 118 -29.70 4.32 35.32
CA ALA D 118 -29.12 3.14 35.93
C ALA D 118 -28.12 2.53 34.95
N LYS D 119 -28.47 2.60 33.65
CA LYS D 119 -27.62 2.15 32.56
C LYS D 119 -26.43 3.07 32.47
N LEU D 120 -26.62 4.38 32.53
CA LEU D 120 -25.52 5.33 32.49
C LEU D 120 -24.61 5.16 33.68
N ALA D 121 -25.13 4.80 34.86
CA ALA D 121 -24.27 4.60 36.01
C ALA D 121 -23.42 3.34 35.84
N LEU D 122 -24.01 2.35 35.15
CA LEU D 122 -23.32 1.12 34.87
C LEU D 122 -22.23 1.34 33.82
N ILE D 123 -22.46 2.17 32.79
CA ILE D 123 -21.45 2.44 31.79
C ILE D 123 -20.30 3.18 32.45
N LYS D 124 -20.52 4.11 33.39
CA LYS D 124 -19.39 4.77 34.05
C LYS D 124 -18.61 3.85 34.96
N GLU D 125 -19.23 2.82 35.55
CA GLU D 125 -18.53 1.84 36.39
C GLU D 125 -17.64 0.96 35.51
N LYS D 126 -18.14 0.51 34.33
CA LYS D 126 -17.37 -0.27 33.38
C LYS D 126 -16.17 0.51 32.87
N ILE D 127 -16.31 1.80 32.51
CA ILE D 127 -15.20 2.62 32.05
C ILE D 127 -14.10 2.75 33.10
N LYS D 128 -14.46 3.06 34.33
CA LYS D 128 -13.48 3.18 35.40
C LYS D 128 -12.75 1.93 35.80
N ASN D 129 -13.49 0.83 35.92
CA ASN D 129 -12.95 -0.41 36.45
C ASN D 129 -12.45 -1.44 35.47
N ARG D 130 -13.09 -1.48 34.31
CA ARG D 130 -12.84 -2.49 33.29
C ARG D 130 -12.14 -2.04 32.01
N TYR D 131 -12.72 -1.11 31.26
CA TYR D 131 -12.16 -0.80 29.95
C TYR D 131 -10.96 0.12 29.97
N PHE D 132 -11.02 1.29 30.62
CA PHE D 132 -9.86 2.19 30.63
C PHE D 132 -8.66 1.65 31.38
N PRO D 133 -8.71 0.98 32.54
CA PRO D 133 -7.54 0.37 33.14
C PRO D 133 -6.87 -0.65 32.24
N ALA D 134 -7.64 -1.40 31.44
CA ALA D 134 -7.09 -2.42 30.55
C ALA D 134 -6.18 -1.86 29.48
N PHE D 135 -6.60 -0.71 28.92
CA PHE D 135 -5.88 -0.01 27.88
C PHE D 135 -4.76 0.82 28.45
N GLU D 136 -4.93 1.45 29.64
CA GLU D 136 -3.83 2.11 30.35
C GLU D 136 -2.73 1.09 30.54
N LYS D 137 -3.12 -0.13 30.93
CA LYS D 137 -2.16 -1.19 31.15
C LYS D 137 -1.40 -1.57 29.87
N VAL D 138 -1.96 -1.67 28.64
CA VAL D 138 -1.11 -2.08 27.52
C VAL D 138 -0.20 -0.93 27.09
N LEU D 139 -0.64 0.33 27.21
CA LEU D 139 0.22 1.47 26.89
C LEU D 139 1.33 1.61 27.90
N LYS D 140 1.09 1.22 29.14
CA LYS D 140 2.10 1.28 30.17
C LYS D 140 3.07 0.11 30.04
N SER D 141 2.68 -1.07 29.54
CA SER D 141 3.59 -2.19 29.45
C SER D 141 4.72 -2.03 28.45
N HIS D 142 4.42 -1.53 27.25
CA HIS D 142 5.46 -1.33 26.25
C HIS D 142 6.04 0.07 26.21
N GLY D 143 5.31 1.02 26.81
CA GLY D 143 5.70 2.42 26.86
C GLY D 143 5.86 3.05 25.50
N GLN D 144 5.29 2.46 24.46
CA GLN D 144 5.34 2.99 23.12
C GLN D 144 4.13 3.86 22.81
N ASP D 145 4.21 4.53 21.67
CA ASP D 145 3.20 5.48 21.26
C ASP D 145 1.91 4.94 20.71
N TYR D 146 1.96 3.68 20.30
CA TYR D 146 0.80 3.05 19.72
C TYR D 146 0.37 1.83 20.49
N LEU D 147 -0.91 1.48 20.36
CA LEU D 147 -1.41 0.33 21.08
C LEU D 147 -0.75 -0.97 20.63
N VAL D 148 -0.59 -1.26 19.33
CA VAL D 148 -0.03 -2.54 18.99
C VAL D 148 1.36 -2.52 18.40
N GLY D 149 1.73 -2.36 17.14
CA GLY D 149 3.14 -2.63 16.84
C GLY D 149 4.04 -1.42 16.76
N ASN D 150 3.92 -0.41 17.61
CA ASN D 150 4.68 0.84 17.52
C ASN D 150 4.57 1.46 16.12
N LYS D 151 3.38 1.26 15.56
CA LYS D 151 2.96 1.68 14.24
C LYS D 151 1.47 1.98 14.41
N LEU D 152 0.88 3.03 13.83
CA LEU D 152 -0.56 3.31 13.91
C LEU D 152 -1.37 2.19 13.31
N SER D 153 -2.49 1.86 13.97
CA SER D 153 -3.39 0.86 13.46
C SER D 153 -4.80 1.30 13.76
N ARG D 154 -5.75 0.49 13.35
CA ARG D 154 -7.15 0.69 13.64
C ARG D 154 -7.44 0.62 15.14
N ALA D 155 -6.64 -0.03 15.98
CA ALA D 155 -6.93 -0.09 17.40
C ALA D 155 -6.81 1.29 18.01
N ASP D 156 -5.93 2.16 17.50
CA ASP D 156 -5.74 3.51 18.03
C ASP D 156 -6.84 4.43 17.60
N ILE D 157 -7.27 4.40 16.34
CA ILE D 157 -8.35 5.24 15.86
C ILE D 157 -9.66 4.82 16.51
N HIS D 158 -9.97 3.52 16.60
CA HIS D 158 -11.18 3.05 17.26
C HIS D 158 -11.14 3.37 18.75
N LEU D 159 -9.98 3.33 19.43
CA LEU D 159 -9.95 3.72 20.83
C LEU D 159 -10.11 5.22 20.96
N VAL D 160 -9.42 6.10 20.20
CA VAL D 160 -9.54 7.55 20.38
C VAL D 160 -10.95 8.05 20.08
N GLU D 161 -11.60 7.54 19.05
CA GLU D 161 -13.00 7.85 18.75
C GLU D 161 -13.86 7.62 19.97
N LEU D 162 -13.65 6.48 20.67
CA LEU D 162 -14.39 6.19 21.88
C LEU D 162 -14.06 7.18 22.97
N LEU D 163 -12.78 7.58 23.15
CA LEU D 163 -12.39 8.54 24.18
C LEU D 163 -13.07 9.86 23.93
N TYR D 164 -13.39 10.22 22.68
CA TYR D 164 -14.17 11.41 22.43
C TYR D 164 -15.58 11.17 22.89
N TYR D 165 -16.20 10.01 22.66
CA TYR D 165 -17.57 9.77 23.13
C TYR D 165 -17.68 9.67 24.64
N VAL D 166 -16.61 9.28 25.32
CA VAL D 166 -16.68 9.16 26.76
C VAL D 166 -16.50 10.54 27.31
N GLU D 167 -15.75 11.42 26.62
CA GLU D 167 -15.57 12.76 27.10
C GLU D 167 -16.87 13.52 27.06
N GLU D 168 -17.72 13.32 26.05
CA GLU D 168 -19.02 13.95 26.02
C GLU D 168 -19.92 13.39 27.11
N LEU D 169 -19.68 12.17 27.57
CA LEU D 169 -20.54 11.56 28.56
C LEU D 169 -20.22 12.15 29.92
N ASP D 170 -18.92 12.29 30.19
CA ASP D 170 -18.42 12.81 31.43
C ASP D 170 -16.92 13.00 31.24
N SER D 171 -16.55 14.27 31.10
CA SER D 171 -15.15 14.64 30.94
C SER D 171 -14.25 14.32 32.13
N SER D 172 -14.78 13.86 33.28
CA SER D 172 -13.92 13.50 34.40
C SER D 172 -13.35 12.10 34.37
N LEU D 173 -13.94 11.13 33.64
CA LEU D 173 -13.52 9.73 33.71
C LEU D 173 -12.08 9.44 33.30
N ILE D 174 -11.62 10.06 32.21
CA ILE D 174 -10.27 9.88 31.69
C ILE D 174 -9.13 10.42 32.55
N SER D 175 -9.43 11.37 33.45
CA SER D 175 -8.41 12.11 34.20
C SER D 175 -7.38 11.29 34.98
N SER D 176 -7.79 10.14 35.50
CA SER D 176 -6.88 9.26 36.21
C SER D 176 -6.12 8.26 35.32
N PHE D 177 -6.23 8.49 34.01
CA PHE D 177 -5.63 7.62 33.03
C PHE D 177 -4.76 8.48 32.10
N PRO D 178 -3.54 8.81 32.54
CA PRO D 178 -2.64 9.72 31.82
C PRO D 178 -2.15 9.27 30.45
N LEU D 179 -1.79 7.98 30.28
CA LEU D 179 -1.33 7.47 28.99
C LEU D 179 -2.44 7.43 27.93
N LEU D 180 -3.74 7.33 28.33
CA LEU D 180 -4.84 7.38 27.39
C LEU D 180 -5.07 8.81 26.97
N LYS D 181 -4.95 9.74 27.95
CA LYS D 181 -5.03 11.17 27.69
C LYS D 181 -3.98 11.54 26.65
N ALA D 182 -2.78 10.99 26.79
CA ALA D 182 -1.68 11.27 25.90
C ALA D 182 -1.92 10.73 24.50
N LEU D 183 -2.48 9.51 24.39
CA LEU D 183 -2.77 8.90 23.10
C LEU D 183 -3.87 9.67 22.40
N LYS D 184 -4.88 10.16 23.13
CA LYS D 184 -5.94 10.96 22.53
C LYS D 184 -5.32 12.20 21.87
N THR D 185 -4.43 12.90 22.59
CA THR D 185 -3.79 14.11 22.07
C THR D 185 -3.01 13.78 20.82
N ARG D 186 -2.18 12.76 20.92
CA ARG D 186 -1.30 12.37 19.84
C ARG D 186 -2.04 12.01 18.56
N ILE D 187 -3.03 11.12 18.61
CA ILE D 187 -3.76 10.72 17.41
C ILE D 187 -4.60 11.89 16.91
N SER D 188 -5.03 12.79 17.80
CA SER D 188 -5.81 13.93 17.37
C SER D 188 -5.05 14.97 16.58
N ASN D 189 -3.71 14.95 16.70
CA ASN D 189 -2.89 15.88 15.95
C ASN D 189 -2.28 15.28 14.70
N LEU D 190 -2.54 14.02 14.35
CA LEU D 190 -2.09 13.46 13.09
C LEU D 190 -2.80 14.24 12.00
N PRO D 191 -2.23 14.65 10.87
CA PRO D 191 -2.92 15.46 9.86
C PRO D 191 -4.23 14.93 9.34
N THR D 192 -4.39 13.62 9.16
CA THR D 192 -5.64 13.08 8.65
C THR D 192 -6.75 13.12 9.68
N VAL D 193 -6.44 12.81 10.94
CA VAL D 193 -7.45 12.83 11.98
C VAL D 193 -7.79 14.28 12.30
N LYS D 194 -6.79 15.19 12.38
CA LYS D 194 -6.94 16.61 12.67
C LYS D 194 -7.87 17.28 11.67
N LYS D 195 -7.70 16.98 10.39
CA LYS D 195 -8.59 17.42 9.33
C LYS D 195 -10.03 17.00 9.64
N PHE D 196 -10.23 15.78 10.11
CA PHE D 196 -11.54 15.23 10.41
C PHE D 196 -12.17 15.89 11.62
N LEU D 197 -11.38 16.24 12.64
CA LEU D 197 -11.89 16.86 13.84
C LEU D 197 -12.27 18.32 13.65
N GLN D 198 -11.70 18.97 12.63
CA GLN D 198 -11.98 20.34 12.24
C GLN D 198 -13.42 20.62 11.87
N PRO D 199 -13.94 21.84 12.01
CA PRO D 199 -15.30 22.20 11.68
C PRO D 199 -15.98 21.85 10.37
N GLY D 200 -15.40 21.50 9.23
CA GLY D 200 -16.30 21.25 8.09
C GLY D 200 -16.50 19.78 7.70
N SER D 201 -15.95 18.86 8.50
CA SER D 201 -15.81 17.46 8.12
C SER D 201 -17.04 16.57 8.06
N PRO D 202 -17.00 15.34 7.47
CA PRO D 202 -18.13 14.44 7.40
C PRO D 202 -18.47 13.88 8.76
N ARG D 203 -17.70 14.19 9.80
CA ARG D 203 -17.96 13.77 11.15
C ARG D 203 -19.32 14.24 11.63
N LYS D 204 -20.02 13.34 12.34
CA LYS D 204 -21.36 13.57 12.84
C LYS D 204 -21.45 13.93 14.32
N PRO D 205 -22.55 14.55 14.76
CA PRO D 205 -22.77 14.98 16.13
C PRO D 205 -23.53 13.99 17.01
N PRO D 206 -23.66 14.20 18.33
CA PRO D 206 -24.56 13.46 19.20
C PRO D 206 -25.99 13.26 18.69
N MET D 207 -26.65 12.17 19.10
CA MET D 207 -28.05 11.93 18.75
C MET D 207 -28.92 12.79 19.60
N ASP D 208 -29.81 13.56 18.98
CA ASP D 208 -30.76 14.33 19.77
C ASP D 208 -32.16 13.80 19.53
N GLU D 209 -33.12 14.47 20.15
CA GLU D 209 -34.54 14.17 20.06
C GLU D 209 -34.97 13.94 18.63
N LYS D 210 -34.58 14.85 17.73
CA LYS D 210 -35.03 14.77 16.37
C LYS D 210 -34.32 13.73 15.51
N SER D 211 -33.05 13.40 15.79
CA SER D 211 -32.39 12.34 15.03
C SER D 211 -32.96 10.99 15.42
N LEU D 212 -33.22 10.76 16.72
CA LEU D 212 -33.78 9.51 17.19
C LEU D 212 -35.19 9.32 16.67
N GLU D 213 -35.90 10.44 16.47
CA GLU D 213 -37.23 10.43 15.91
C GLU D 213 -37.16 10.00 14.45
N GLU D 214 -36.20 10.54 13.68
CA GLU D 214 -36.02 10.19 12.28
C GLU D 214 -35.53 8.74 12.17
N ALA D 215 -34.76 8.27 13.15
CA ALA D 215 -34.20 6.92 13.16
C ALA D 215 -35.29 5.88 13.38
N ARG D 216 -36.22 6.15 14.29
CA ARG D 216 -37.36 5.28 14.53
C ARG D 216 -38.30 5.24 13.34
N LYS D 217 -38.37 6.31 12.56
CA LYS D 217 -39.26 6.33 11.41
C LYS D 217 -38.71 5.54 10.24
N ILE D 218 -37.41 5.69 9.99
CA ILE D 218 -36.77 5.01 8.87
C ILE D 218 -36.64 3.53 9.20
N PHE D 219 -36.10 3.22 10.40
CA PHE D 219 -35.84 1.84 10.77
C PHE D 219 -36.94 1.14 11.53
N ARG D 220 -38.12 1.77 11.64
CA ARG D 220 -39.30 1.22 12.31
C ARG D 220 -39.06 0.53 13.65
N PHE D 221 -38.12 1.00 14.47
CA PHE D 221 -37.90 0.37 15.76
C PHE D 221 -38.63 1.07 16.91
#